data_8WO2
#
_entry.id   8WO2
#
_cell.length_a   52.972
_cell.length_b   53.084
_cell.length_c   102.947
_cell.angle_alpha   97.15
_cell.angle_beta   92.61
_cell.angle_gamma   105.11
#
_symmetry.space_group_name_H-M   'P 1'
#
loop_
_entity.id
_entity.type
_entity.pdbx_description
1 polymer 'Isoleucine--tRNA ligase'
2 non-polymer 'ZINC ION'
3 non-polymer GLYCEROL
4 non-polymer '[[(2R,3S,4R,5R)-5-(6-aminopurin-9-yl)-3,4-bis(oxidanyl)oxolan-2-yl]methoxy-oxidanyl-phosphoryl] (2S)-2-azanyl-3-methyl-butanoate'
5 non-polymer 'ACETATE ION'
6 water water
#
_entity_poly.entity_id   1
_entity_poly.type   'polypeptide(L)'
_entity_poly.pdbx_seq_one_letter_code
;MEEYKDTLNLNTTTFSMKGNLSVNEPKTYAKWQEQQAFKRMQARKDNHGDFTLHDGPPYANGHLHLGHALNKILKDIVVK
REYFKGKKIYYTPGWDCHGLPIEQQILERLEKEKTSLENPTLFREKCRDHAKKFLEIQKNEFLQLGVLGDFEDPYKTMDF
KFEASIYRALVEVAKKGLLKERHKPIYWSYACESALAEAEVEYKMKKSPSIFVAFGLKKESLEKLKVKKASLVIWTTTPW
TLYANVAIALKKDAVYALTQKGYLVAKALHEKLAALGVVDNEITHEFNSNDLEYLVATNPLNQRDSLVALGEHVGLEDGT
GAVHTAPGHGEEDYYLGLRYNLEVLMSVDEKGCYDEGIIHNQLLDESYLGEHVFKAQKRIIEQLGDSLLLEQEIEHSYPH
CWRTHKPVIYRATTQWFILMDEPFIQNDGSQKTLREVALDAIEKVEFVPSSGKNRLKTMIENRPDWCLSRQRKWGVPLAF
FIDKRTNKPCFESEVLEHVANLFEKKGCDVWWEYSVKDLLPPSYQEDAKHYEKIMHILDVWFDSGSTFKAVLEDYHGEKG
QSPSDVILEGSDQHRGWFQSSLLIGCVLNNQAPFKKVITHGFIVDEKGEKMSKSKGNVVSLDKLLKTHGSDVVRLWVAFN
DYQNDLRVSQTFFTQTEQHYKKFRNTLKFLLANFSDMDLKNLERPHNFSPLDHFMLETLETISAGVNSAFEEHDFVKGLN
ILMAFVTNELSGIYLDACKDSLYCDSKNNEKRQAIQMVLLATASKLCYFLAPILTHTIEEVLEHSQALRIFLQAKDVFDL
KDISVSEKLHLKEFKKPENFEAVLALRSAFNEELDRLKKEGVIKNSLECAIEVKEKALDENLVEELLMVSFVGIAKEKLS
ETPAFTLFKAPFYKCPRCWRFKSELENTPCKRCEQVLKER
;
_entity_poly.pdbx_strand_id   A
#
# COMPACT_ATOMS: atom_id res chain seq x y z
N GLU A 3 -55.52 22.64 -12.88
CA GLU A 3 -54.13 22.21 -12.77
C GLU A 3 -53.71 21.44 -14.01
N TYR A 4 -52.53 21.77 -14.55
CA TYR A 4 -52.02 21.15 -15.77
C TYR A 4 -50.88 20.18 -15.49
N LYS A 5 -50.62 19.85 -14.22
CA LYS A 5 -49.55 18.92 -13.89
C LYS A 5 -49.78 17.55 -14.51
N ASP A 6 -51.05 17.16 -14.68
CA ASP A 6 -51.36 15.88 -15.31
C ASP A 6 -50.88 15.86 -16.77
N THR A 7 -50.83 17.02 -17.42
CA THR A 7 -50.56 17.10 -18.84
C THR A 7 -49.07 17.21 -19.17
N LEU A 8 -48.20 17.24 -18.18
CA LEU A 8 -46.77 17.29 -18.44
C LEU A 8 -46.24 15.89 -18.72
N ASN A 9 -45.11 15.84 -19.41
CA ASN A 9 -44.40 14.56 -19.56
C ASN A 9 -43.97 14.07 -18.18
N LEU A 10 -44.30 12.81 -17.88
CA LEU A 10 -44.03 12.26 -16.56
C LEU A 10 -42.54 12.28 -16.24
N ASN A 11 -41.72 11.73 -17.14
CA ASN A 11 -40.27 11.75 -17.01
C ASN A 11 -39.81 11.18 -15.68
N THR A 12 -40.12 9.90 -15.47
CA THR A 12 -39.69 9.19 -14.27
C THR A 12 -38.99 7.90 -14.66
N THR A 13 -38.17 7.41 -13.74
CA THR A 13 -37.44 6.17 -13.92
C THR A 13 -37.62 5.30 -12.69
N THR A 14 -37.49 3.98 -12.89
CA THR A 14 -37.52 3.05 -11.77
C THR A 14 -36.23 3.10 -10.97
N PHE A 15 -35.16 3.66 -11.53
CA PHE A 15 -33.91 3.83 -10.80
C PHE A 15 -34.13 4.73 -9.60
N SER A 16 -33.97 4.17 -8.40
CA SER A 16 -34.34 4.87 -7.18
C SER A 16 -33.30 5.93 -6.82
N MET A 17 -33.75 6.93 -6.07
CA MET A 17 -32.86 7.98 -5.60
C MET A 17 -31.97 7.48 -4.45
N LYS A 18 -32.57 6.79 -3.48
CA LYS A 18 -31.79 6.24 -2.38
C LYS A 18 -31.20 4.90 -2.78
N GLY A 19 -29.90 4.74 -2.54
CA GLY A 19 -29.20 3.54 -2.98
C GLY A 19 -29.56 2.28 -2.24
N ASN A 20 -29.89 2.39 -0.96
CA ASN A 20 -30.15 1.25 -0.09
C ASN A 20 -29.08 0.18 -0.28
N LEU A 21 -27.83 0.62 -0.10
CA LEU A 21 -26.68 -0.17 -0.55
C LEU A 21 -26.50 -1.43 0.28
N SER A 22 -26.68 -1.35 1.60
CA SER A 22 -26.50 -2.51 2.46
C SER A 22 -27.46 -3.64 2.14
N VAL A 23 -28.50 -3.39 1.35
CA VAL A 23 -29.42 -4.43 0.91
C VAL A 23 -29.17 -4.84 -0.53
N ASN A 24 -28.89 -3.88 -1.40
CA ASN A 24 -28.78 -4.18 -2.83
C ASN A 24 -27.39 -4.65 -3.22
N GLU A 25 -26.34 -4.05 -2.64
CA GLU A 25 -24.97 -4.46 -2.94
C GLU A 25 -24.70 -5.95 -2.70
N PRO A 26 -25.12 -6.55 -1.58
CA PRO A 26 -24.91 -8.00 -1.42
C PRO A 26 -25.53 -8.83 -2.53
N LYS A 27 -26.68 -8.41 -3.08
CA LYS A 27 -27.29 -9.15 -4.17
C LYS A 27 -26.48 -9.05 -5.44
N THR A 28 -25.90 -7.88 -5.72
CA THR A 28 -25.07 -7.72 -6.90
C THR A 28 -23.80 -8.55 -6.81
N TYR A 29 -23.11 -8.48 -5.67
CA TYR A 29 -21.84 -9.18 -5.53
C TYR A 29 -22.04 -10.69 -5.49
N ALA A 30 -23.15 -11.15 -4.91
CA ALA A 30 -23.48 -12.57 -4.96
C ALA A 30 -23.78 -13.02 -6.38
N LYS A 31 -24.35 -12.13 -7.20
CA LYS A 31 -24.62 -12.48 -8.60
C LYS A 31 -23.32 -12.63 -9.38
N TRP A 32 -22.38 -11.70 -9.19
CA TRP A 32 -21.12 -11.77 -9.92
C TRP A 32 -20.35 -13.04 -9.60
N GLN A 33 -20.52 -13.58 -8.40
CA GLN A 33 -19.89 -14.86 -8.06
C GLN A 33 -20.63 -16.03 -8.70
N GLU A 34 -21.96 -15.99 -8.70
CA GLU A 34 -22.71 -17.08 -9.32
C GLU A 34 -22.44 -17.17 -10.82
N GLN A 35 -22.41 -16.03 -11.50
CA GLN A 35 -22.27 -15.99 -12.94
C GLN A 35 -20.82 -15.91 -13.40
N GLN A 36 -19.86 -15.99 -12.47
CA GLN A 36 -18.43 -16.00 -12.78
C GLN A 36 -18.06 -14.81 -13.69
N ALA A 37 -18.33 -13.62 -13.16
CA ALA A 37 -18.13 -12.40 -13.93
C ALA A 37 -16.66 -12.21 -14.31
N PHE A 38 -15.74 -12.57 -13.41
CA PHE A 38 -14.32 -12.39 -13.72
C PHE A 38 -13.87 -13.33 -14.83
N LYS A 39 -14.20 -14.62 -14.72
CA LYS A 39 -13.86 -15.55 -15.79
C LYS A 39 -14.58 -15.20 -17.08
N ARG A 40 -15.72 -14.52 -16.98
CA ARG A 40 -16.36 -13.95 -18.15
C ARG A 40 -15.59 -12.74 -18.68
N MET A 41 -15.04 -11.93 -17.77
CA MET A 41 -14.21 -10.81 -18.20
C MET A 41 -12.99 -11.27 -18.97
N GLN A 42 -12.34 -12.34 -18.49
CA GLN A 42 -11.20 -12.90 -19.21
C GLN A 42 -11.63 -13.51 -20.54
N ALA A 43 -12.85 -14.02 -20.63
CA ALA A 43 -13.28 -14.74 -21.81
C ALA A 43 -13.81 -13.83 -22.91
N ARG A 44 -13.86 -12.52 -22.66
CA ARG A 44 -14.40 -11.58 -23.63
C ARG A 44 -13.70 -11.71 -24.97
N LYS A 45 -14.49 -11.94 -26.02
CA LYS A 45 -13.95 -12.38 -27.30
C LYS A 45 -13.14 -11.30 -28.02
N ASP A 46 -13.43 -10.03 -27.76
CA ASP A 46 -12.72 -8.94 -28.43
C ASP A 46 -11.66 -8.29 -27.55
N ASN A 47 -11.11 -9.04 -26.59
CA ASN A 47 -9.98 -8.57 -25.81
C ASN A 47 -8.83 -8.17 -26.73
N HIS A 48 -8.25 -7.00 -26.47
CA HIS A 48 -7.15 -6.48 -27.27
C HIS A 48 -6.08 -5.96 -26.33
N GLY A 49 -4.90 -6.59 -26.36
CA GLY A 49 -3.85 -6.30 -25.42
C GLY A 49 -4.02 -7.08 -24.13
N ASP A 50 -2.98 -7.04 -23.31
CA ASP A 50 -2.97 -7.78 -22.05
C ASP A 50 -2.53 -6.87 -20.91
N PHE A 51 -3.06 -7.15 -19.72
CA PHE A 51 -2.68 -6.42 -18.51
C PHE A 51 -2.57 -7.40 -17.36
N THR A 52 -1.46 -7.36 -16.64
CA THR A 52 -1.20 -8.25 -15.52
C THR A 52 -0.97 -7.41 -14.27
N LEU A 53 -1.84 -7.58 -13.28
CA LEU A 53 -1.62 -7.07 -11.93
C LEU A 53 -1.34 -8.26 -11.04
N HIS A 54 -0.14 -8.29 -10.44
CA HIS A 54 0.28 -9.39 -9.58
C HIS A 54 -0.07 -9.05 -8.14
N ASP A 55 -1.04 -9.76 -7.58
CA ASP A 55 -1.46 -9.52 -6.21
C ASP A 55 -0.34 -9.88 -5.24
N GLY A 56 -0.09 -8.98 -4.28
CA GLY A 56 0.76 -9.29 -3.16
C GLY A 56 -0.06 -10.00 -2.10
N PRO A 57 0.42 -11.13 -1.61
CA PRO A 57 -0.41 -11.99 -0.78
C PRO A 57 -0.48 -11.47 0.66
N PRO A 58 -1.66 -11.09 1.12
CA PRO A 58 -1.81 -10.76 2.54
C PRO A 58 -1.69 -12.03 3.38
N TYR A 59 -1.25 -11.84 4.61
CA TYR A 59 -1.06 -12.99 5.50
C TYR A 59 -2.39 -13.62 5.84
N ALA A 60 -2.46 -14.94 5.70
CA ALA A 60 -3.69 -15.70 5.97
C ALA A 60 -3.95 -15.75 7.48
N ASN A 61 -4.33 -14.62 8.06
CA ASN A 61 -4.53 -14.52 9.49
C ASN A 61 -5.39 -13.30 9.77
N GLY A 62 -6.48 -13.50 10.50
CA GLY A 62 -7.31 -12.41 10.96
C GLY A 62 -8.32 -11.94 9.92
N HIS A 63 -9.36 -11.28 10.42
CA HIS A 63 -10.32 -10.64 9.53
C HIS A 63 -9.68 -9.44 8.85
N LEU A 64 -10.33 -8.97 7.79
CA LEU A 64 -9.84 -7.80 7.07
C LEU A 64 -10.14 -6.55 7.86
N HIS A 65 -9.17 -5.64 7.90
CA HIS A 65 -9.38 -4.29 8.41
C HIS A 65 -9.40 -3.33 7.23
N LEU A 66 -9.66 -2.04 7.53
CA LEU A 66 -9.84 -1.05 6.48
C LEU A 66 -8.61 -0.94 5.58
N GLY A 67 -7.43 -1.28 6.09
CA GLY A 67 -6.24 -1.23 5.27
C GLY A 67 -6.27 -2.25 4.15
N HIS A 68 -6.73 -3.47 4.45
CA HIS A 68 -6.88 -4.47 3.40
C HIS A 68 -7.89 -4.03 2.35
N ALA A 69 -8.96 -3.36 2.78
CA ALA A 69 -9.99 -2.91 1.85
C ALA A 69 -9.46 -1.82 0.92
N LEU A 70 -8.74 -0.84 1.49
CA LEU A 70 -8.09 0.19 0.68
C LEU A 70 -7.19 -0.44 -0.38
N ASN A 71 -6.46 -1.47 0.00
CA ASN A 71 -5.54 -2.13 -0.93
C ASN A 71 -6.31 -2.78 -2.09
N LYS A 72 -7.31 -3.60 -1.76
CA LYS A 72 -8.00 -4.36 -2.80
C LYS A 72 -8.84 -3.46 -3.69
N ILE A 73 -9.45 -2.41 -3.11
CA ILE A 73 -10.27 -1.50 -3.90
C ILE A 73 -9.42 -0.77 -4.94
N LEU A 74 -8.24 -0.33 -4.54
CA LEU A 74 -7.34 0.35 -5.49
C LEU A 74 -6.92 -0.58 -6.61
N LYS A 75 -6.60 -1.83 -6.27
CA LYS A 75 -6.32 -2.83 -7.31
C LYS A 75 -7.55 -3.05 -8.19
N ASP A 76 -8.74 -3.02 -7.60
CA ASP A 76 -9.96 -3.29 -8.37
C ASP A 76 -10.23 -2.16 -9.35
N ILE A 77 -9.95 -0.91 -8.95
CA ILE A 77 -10.12 0.21 -9.86
C ILE A 77 -9.12 0.13 -11.01
N VAL A 78 -7.86 -0.21 -10.71
CA VAL A 78 -6.84 -0.30 -11.73
C VAL A 78 -7.16 -1.42 -12.72
N VAL A 79 -7.60 -2.56 -12.21
CA VAL A 79 -7.90 -3.69 -13.09
C VAL A 79 -9.14 -3.41 -13.94
N LYS A 80 -10.21 -2.90 -13.31
CA LYS A 80 -11.42 -2.59 -14.06
C LYS A 80 -11.17 -1.50 -15.10
N ARG A 81 -10.29 -0.55 -14.79
CA ARG A 81 -9.91 0.45 -15.79
C ARG A 81 -9.32 -0.21 -17.03
N GLU A 82 -8.39 -1.16 -16.84
CA GLU A 82 -7.78 -1.83 -17.97
C GLU A 82 -8.77 -2.73 -18.71
N TYR A 83 -9.65 -3.39 -17.97
CA TYR A 83 -10.66 -4.23 -18.63
C TYR A 83 -11.61 -3.39 -19.47
N PHE A 84 -12.02 -2.23 -18.95
CA PHE A 84 -12.94 -1.39 -19.71
C PHE A 84 -12.25 -0.67 -20.86
N LYS A 85 -10.93 -0.52 -20.81
CA LYS A 85 -10.19 -0.05 -21.98
C LYS A 85 -10.11 -1.11 -23.07
N GLY A 86 -10.48 -2.35 -22.77
CA GLY A 86 -10.60 -3.40 -23.75
C GLY A 86 -9.52 -4.46 -23.73
N LYS A 87 -8.86 -4.69 -22.59
CA LYS A 87 -7.73 -5.60 -22.51
C LYS A 87 -8.09 -6.89 -21.79
N LYS A 88 -7.39 -7.96 -22.17
CA LYS A 88 -7.38 -9.19 -21.38
C LYS A 88 -6.62 -8.93 -20.09
N ILE A 89 -7.28 -9.16 -18.95
CA ILE A 89 -6.69 -8.88 -17.65
C ILE A 89 -6.32 -10.18 -16.97
N TYR A 90 -5.29 -10.13 -16.16
CA TYR A 90 -4.88 -11.24 -15.29
C TYR A 90 -4.74 -10.72 -13.89
N TYR A 91 -5.54 -11.24 -12.96
CA TYR A 91 -5.48 -10.83 -11.56
C TYR A 91 -5.85 -12.03 -10.71
N THR A 92 -4.83 -12.78 -10.27
CA THR A 92 -5.02 -13.91 -9.38
C THR A 92 -4.64 -13.52 -7.96
N PRO A 93 -5.59 -13.28 -7.07
CA PRO A 93 -5.24 -12.96 -5.68
C PRO A 93 -4.57 -14.15 -5.01
N GLY A 94 -3.79 -13.84 -3.97
CA GLY A 94 -3.05 -14.86 -3.26
C GLY A 94 -3.04 -14.59 -1.77
N TRP A 95 -2.57 -15.59 -1.02
CA TRP A 95 -2.51 -15.50 0.42
C TRP A 95 -1.17 -16.02 0.92
N ASP A 96 -0.54 -15.22 1.80
CA ASP A 96 0.70 -15.60 2.47
C ASP A 96 0.33 -16.46 3.67
N CYS A 97 0.59 -17.77 3.58
CA CYS A 97 0.09 -18.71 4.57
C CYS A 97 1.13 -19.17 5.59
N HIS A 98 2.41 -19.07 5.29
CA HIS A 98 3.45 -19.53 6.20
C HIS A 98 3.86 -18.40 7.17
N GLY A 99 4.81 -18.72 8.04
CA GLY A 99 5.51 -17.71 8.81
C GLY A 99 4.93 -17.44 10.19
N LEU A 100 5.68 -16.63 10.94
CA LEU A 100 5.23 -16.25 12.27
C LEU A 100 3.87 -15.54 12.32
N PRO A 101 3.47 -14.74 11.33
CA PRO A 101 2.10 -14.17 11.38
C PRO A 101 1.02 -15.19 11.61
N ILE A 102 1.22 -16.43 11.20
CA ILE A 102 0.30 -17.52 11.48
C ILE A 102 0.76 -18.36 12.67
N GLU A 103 2.04 -18.71 12.70
CA GLU A 103 2.54 -19.64 13.71
C GLU A 103 2.47 -19.03 15.11
N GLN A 104 2.78 -17.73 15.23
CA GLN A 104 2.74 -17.08 16.54
C GLN A 104 1.34 -17.14 17.15
N GLN A 105 0.31 -17.18 16.30
CA GLN A 105 -1.06 -17.32 16.81
C GLN A 105 -1.31 -18.73 17.34
N ILE A 106 -0.73 -19.74 16.69
CA ILE A 106 -0.78 -21.09 17.25
C ILE A 106 -0.07 -21.13 18.59
N LEU A 107 1.12 -20.52 18.66
CA LEU A 107 1.88 -20.50 19.90
C LEU A 107 1.11 -19.78 21.01
N GLU A 108 0.48 -18.65 20.69
CA GLU A 108 -0.29 -17.94 21.72
C GLU A 108 -1.57 -18.67 22.07
N ARG A 109 -2.15 -19.43 21.14
CA ARG A 109 -3.36 -20.18 21.45
C ARG A 109 -3.04 -21.35 22.37
N LEU A 110 -1.88 -21.98 22.19
CA LEU A 110 -1.54 -23.14 23.00
C LEU A 110 -1.33 -22.74 24.47
N GLU A 111 -0.75 -21.57 24.72
CA GLU A 111 -0.51 -21.15 26.09
C GLU A 111 -1.82 -20.79 26.79
N LYS A 112 -2.68 -20.04 26.09
CA LYS A 112 -4.01 -19.76 26.62
C LYS A 112 -4.83 -21.02 26.76
N GLU A 113 -4.48 -22.09 26.03
CA GLU A 113 -5.10 -23.39 26.19
C GLU A 113 -4.40 -24.28 27.19
N LYS A 114 -3.23 -23.86 27.70
CA LYS A 114 -2.48 -24.55 28.75
C LYS A 114 -1.84 -25.85 28.25
N THR A 115 -1.40 -25.90 27.00
CA THR A 115 -0.72 -27.09 26.49
C THR A 115 0.33 -26.68 25.47
N SER A 116 0.79 -27.65 24.68
CA SER A 116 1.83 -27.42 23.69
C SER A 116 1.83 -28.54 22.64
N LEU A 117 2.94 -28.71 21.91
CA LEU A 117 2.98 -29.63 20.78
C LEU A 117 4.38 -29.92 20.28
N GLU A 118 4.96 -31.07 20.66
CA GLU A 118 6.29 -31.35 20.15
C GLU A 118 6.25 -31.77 18.69
N ASN A 119 5.17 -32.40 18.27
CA ASN A 119 5.13 -33.10 16.99
C ASN A 119 5.23 -32.12 15.83
N PRO A 120 6.17 -32.29 14.90
CA PRO A 120 6.31 -31.36 13.78
C PRO A 120 5.12 -31.41 12.83
N THR A 121 4.76 -32.61 12.39
CA THR A 121 3.69 -32.75 11.40
C THR A 121 2.37 -32.22 11.94
N LEU A 122 2.04 -32.56 13.19
CA LEU A 122 0.78 -32.12 13.77
C LEU A 122 0.79 -30.62 14.05
N PHE A 123 1.95 -30.06 14.38
CA PHE A 123 2.05 -28.62 14.62
C PHE A 123 1.86 -27.84 13.32
N ARG A 124 2.50 -28.29 12.24
CA ARG A 124 2.30 -27.65 10.96
C ARG A 124 0.86 -27.79 10.47
N GLU A 125 0.18 -28.86 10.88
CA GLU A 125 -1.21 -29.06 10.50
C GLU A 125 -2.12 -28.01 11.12
N LYS A 126 -1.89 -27.69 12.41
CA LYS A 126 -2.73 -26.70 13.06
C LYS A 126 -2.42 -25.30 12.53
N CYS A 127 -1.17 -25.05 12.11
CA CYS A 127 -0.87 -23.82 11.39
C CYS A 127 -1.53 -23.82 10.02
N ARG A 128 -1.49 -24.95 9.31
CA ARG A 128 -2.08 -25.01 7.97
C ARG A 128 -3.58 -24.82 8.02
N ASP A 129 -4.24 -25.40 9.03
CA ASP A 129 -5.68 -25.24 9.17
C ASP A 129 -6.06 -23.82 9.58
N HIS A 130 -5.21 -23.16 10.36
CA HIS A 130 -5.47 -21.77 10.73
C HIS A 130 -5.45 -20.86 9.50
N ALA A 131 -4.49 -21.08 8.60
CA ALA A 131 -4.41 -20.24 7.40
C ALA A 131 -5.55 -20.55 6.44
N LYS A 132 -5.97 -21.82 6.36
CA LYS A 132 -7.09 -22.18 5.51
C LYS A 132 -8.37 -21.51 5.98
N LYS A 133 -8.61 -21.52 7.29
CA LYS A 133 -9.83 -20.92 7.84
C LYS A 133 -9.90 -19.43 7.53
N PHE A 134 -8.78 -18.71 7.70
CA PHE A 134 -8.80 -17.27 7.50
C PHE A 134 -8.56 -16.89 6.04
N LEU A 135 -8.03 -17.79 5.22
CA LEU A 135 -8.03 -17.56 3.77
C LEU A 135 -9.45 -17.44 3.25
N GLU A 136 -10.34 -18.31 3.72
CA GLU A 136 -11.73 -18.29 3.27
C GLU A 136 -12.50 -17.11 3.85
N ILE A 137 -12.21 -16.74 5.10
CA ILE A 137 -12.86 -15.58 5.70
C ILE A 137 -12.46 -14.30 4.95
N GLN A 138 -11.18 -14.19 4.59
CA GLN A 138 -10.73 -13.00 3.89
C GLN A 138 -11.20 -12.96 2.45
N LYS A 139 -11.34 -14.12 1.80
CA LYS A 139 -11.82 -14.14 0.42
C LYS A 139 -13.23 -13.57 0.33
N ASN A 140 -14.11 -14.00 1.23
CA ASN A 140 -15.50 -13.55 1.20
C ASN A 140 -15.63 -12.09 1.61
N GLU A 141 -14.78 -11.63 2.54
CA GLU A 141 -14.81 -10.23 2.92
C GLU A 141 -14.26 -9.33 1.81
N PHE A 142 -13.32 -9.83 1.02
CA PHE A 142 -12.88 -9.10 -0.16
C PHE A 142 -14.00 -8.96 -1.17
N LEU A 143 -14.75 -10.06 -1.39
CA LEU A 143 -15.83 -10.05 -2.37
C LEU A 143 -16.96 -9.12 -1.97
N GLN A 144 -17.19 -8.94 -0.67
CA GLN A 144 -18.22 -8.01 -0.22
C GLN A 144 -17.83 -6.55 -0.46
N LEU A 145 -16.66 -6.30 -1.02
CA LEU A 145 -16.25 -4.95 -1.41
C LEU A 145 -16.50 -4.68 -2.89
N GLY A 146 -16.90 -5.69 -3.66
CA GLY A 146 -17.14 -5.52 -5.08
C GLY A 146 -15.94 -5.74 -5.97
N VAL A 147 -14.86 -6.33 -5.47
CA VAL A 147 -13.67 -6.53 -6.26
C VAL A 147 -13.82 -7.80 -7.09
N LEU A 148 -13.18 -7.80 -8.26
CA LEU A 148 -13.30 -8.90 -9.22
C LEU A 148 -11.92 -9.43 -9.56
N GLY A 149 -11.70 -10.71 -9.28
CA GLY A 149 -10.46 -11.41 -9.56
C GLY A 149 -10.74 -12.89 -9.49
N ASP A 150 -9.71 -13.68 -9.81
CA ASP A 150 -9.85 -15.14 -9.77
C ASP A 150 -9.80 -15.60 -8.31
N PHE A 151 -10.82 -15.20 -7.57
CA PHE A 151 -10.88 -15.49 -6.14
C PHE A 151 -11.31 -16.93 -5.85
N GLU A 152 -11.97 -17.59 -6.78
CA GLU A 152 -12.27 -19.01 -6.62
C GLU A 152 -11.08 -19.90 -6.96
N ASP A 153 -10.01 -19.32 -7.50
CA ASP A 153 -8.78 -20.06 -7.79
C ASP A 153 -7.57 -19.23 -7.38
N PRO A 154 -7.45 -18.86 -6.11
CA PRO A 154 -6.34 -18.01 -5.69
C PRO A 154 -5.08 -18.82 -5.45
N TYR A 155 -3.94 -18.12 -5.51
CA TYR A 155 -2.68 -18.79 -5.23
C TYR A 155 -2.42 -18.81 -3.74
N LYS A 156 -1.77 -19.88 -3.28
CA LYS A 156 -1.55 -20.12 -1.85
C LYS A 156 -0.13 -20.63 -1.67
N THR A 157 0.65 -19.94 -0.82
CA THR A 157 2.00 -20.40 -0.54
C THR A 157 2.01 -21.76 0.16
N MET A 158 0.88 -22.17 0.76
CA MET A 158 0.80 -23.46 1.42
C MET A 158 0.46 -24.59 0.46
N ASP A 159 0.14 -24.28 -0.79
CA ASP A 159 -0.08 -25.31 -1.78
C ASP A 159 1.23 -26.07 -2.05
N PHE A 160 1.11 -27.37 -2.25
CA PHE A 160 2.29 -28.21 -2.44
C PHE A 160 3.11 -27.75 -3.63
N LYS A 161 2.44 -27.42 -4.74
CA LYS A 161 3.14 -26.91 -5.91
C LYS A 161 3.83 -25.59 -5.60
N PHE A 162 3.21 -24.77 -4.75
CA PHE A 162 3.81 -23.48 -4.41
C PHE A 162 5.03 -23.65 -3.53
N GLU A 163 4.94 -24.53 -2.52
CA GLU A 163 6.10 -24.80 -1.67
C GLU A 163 7.26 -25.34 -2.50
N ALA A 164 6.96 -26.13 -3.53
CA ALA A 164 8.01 -26.61 -4.42
C ALA A 164 8.56 -25.49 -5.29
N SER A 165 7.72 -24.53 -5.67
CA SER A 165 8.22 -23.39 -6.45
C SER A 165 9.15 -22.51 -5.61
N ILE A 166 8.82 -22.32 -4.34
CA ILE A 166 9.69 -21.55 -3.46
C ILE A 166 11.04 -22.24 -3.31
N TYR A 167 11.01 -23.57 -3.12
CA TYR A 167 12.26 -24.31 -2.99
C TYR A 167 13.06 -24.26 -4.29
N ARG A 168 12.39 -24.31 -5.44
CA ARG A 168 13.10 -24.22 -6.71
C ARG A 168 13.69 -22.83 -6.93
N ALA A 169 13.05 -21.80 -6.38
CA ALA A 169 13.63 -20.46 -6.41
C ALA A 169 14.87 -20.38 -5.56
N LEU A 170 14.84 -20.99 -4.37
CA LEU A 170 16.03 -21.07 -3.54
C LEU A 170 17.14 -21.86 -4.23
N VAL A 171 16.75 -22.91 -4.95
CA VAL A 171 17.74 -23.72 -5.68
C VAL A 171 18.49 -22.86 -6.69
N GLU A 172 17.76 -22.01 -7.43
CA GLU A 172 18.41 -21.11 -8.37
C GLU A 172 19.41 -20.20 -7.67
N VAL A 173 19.04 -19.69 -6.49
CA VAL A 173 19.94 -18.83 -5.72
C VAL A 173 21.21 -19.60 -5.35
N ALA A 174 21.04 -20.86 -4.92
CA ALA A 174 22.19 -21.67 -4.51
C ALA A 174 23.11 -21.94 -5.70
N LYS A 175 22.55 -22.32 -6.85
CA LYS A 175 23.36 -22.69 -8.00
C LYS A 175 24.13 -21.51 -8.59
N LYS A 176 23.74 -20.29 -8.26
CA LYS A 176 24.43 -19.09 -8.72
C LYS A 176 25.46 -18.58 -7.73
N GLY A 177 25.71 -19.33 -6.65
CA GLY A 177 26.76 -18.99 -5.72
C GLY A 177 26.44 -17.88 -4.74
N LEU A 178 25.15 -17.61 -4.51
CA LEU A 178 24.75 -16.52 -3.63
C LEU A 178 24.25 -16.99 -2.26
N LEU A 179 23.99 -18.28 -2.09
CA LEU A 179 23.55 -18.83 -0.81
C LEU A 179 24.76 -19.41 -0.10
N LYS A 180 25.19 -18.75 0.98
CA LYS A 180 26.38 -19.17 1.70
C LYS A 180 26.17 -19.02 3.20
N GLU A 181 26.84 -19.90 3.95
CA GLU A 181 26.79 -19.84 5.41
C GLU A 181 27.67 -18.71 5.93
N ARG A 182 27.22 -18.08 7.00
CA ARG A 182 27.98 -17.04 7.68
C ARG A 182 27.78 -17.18 9.19
N HIS A 183 28.80 -16.78 9.94
CA HIS A 183 28.75 -16.76 11.39
C HIS A 183 29.03 -15.35 11.87
N LYS A 184 28.03 -14.72 12.47
CA LYS A 184 28.13 -13.34 12.94
C LYS A 184 26.91 -13.03 13.81
N PRO A 185 27.00 -12.01 14.67
CA PRO A 185 25.81 -11.58 15.42
C PRO A 185 24.74 -11.01 14.50
N ILE A 186 23.50 -11.43 14.71
CA ILE A 186 22.35 -10.95 13.94
C ILE A 186 21.17 -10.80 14.89
N TYR A 187 20.10 -10.19 14.37
CA TYR A 187 18.84 -10.11 15.10
C TYR A 187 18.46 -11.47 15.64
N TRP A 188 18.10 -11.52 16.92
CA TRP A 188 17.62 -12.76 17.53
C TRP A 188 16.44 -12.45 18.42
N SER A 189 15.30 -13.09 18.14
CA SER A 189 14.11 -12.99 18.98
C SER A 189 14.10 -14.15 19.95
N TYR A 190 14.41 -13.87 21.23
CA TYR A 190 14.37 -14.91 22.25
C TYR A 190 12.94 -15.37 22.52
N ALA A 191 11.93 -14.56 22.19
CA ALA A 191 10.55 -14.95 22.45
C ALA A 191 10.11 -16.11 21.57
N CYS A 192 10.64 -16.18 20.35
CA CYS A 192 10.39 -17.32 19.47
C CYS A 192 11.65 -18.11 19.15
N GLU A 193 12.79 -17.75 19.74
CA GLU A 193 14.04 -18.49 19.60
C GLU A 193 14.39 -18.70 18.13
N SER A 194 14.62 -17.59 17.44
CA SER A 194 14.83 -17.64 16.00
C SER A 194 15.60 -16.40 15.56
N ALA A 195 16.40 -16.59 14.52
CA ALA A 195 17.01 -15.45 13.84
C ALA A 195 15.92 -14.62 13.17
N LEU A 196 16.25 -13.35 12.90
CA LEU A 196 15.35 -12.47 12.19
C LEU A 196 16.16 -11.61 11.22
N ALA A 197 15.48 -11.03 10.25
CA ALA A 197 16.05 -10.05 9.34
C ALA A 197 15.24 -8.76 9.46
N GLU A 198 15.62 -7.77 8.65
CA GLU A 198 15.13 -6.41 8.85
C GLU A 198 13.61 -6.32 8.70
N ALA A 199 13.04 -7.05 7.73
CA ALA A 199 11.60 -6.98 7.48
C ALA A 199 10.78 -7.57 8.62
N GLU A 200 11.39 -8.35 9.50
CA GLU A 200 10.72 -8.93 10.66
C GLU A 200 10.99 -8.13 11.93
N VAL A 201 11.50 -6.91 11.79
CA VAL A 201 11.96 -6.10 12.91
C VAL A 201 11.18 -4.79 12.93
N GLU A 202 10.68 -4.42 14.10
CA GLU A 202 9.95 -3.17 14.31
C GLU A 202 10.72 -2.31 15.31
N TYR A 203 11.20 -1.16 14.86
CA TYR A 203 11.89 -0.24 15.74
C TYR A 203 10.89 0.66 16.46
N LYS A 204 10.97 0.68 17.79
CA LYS A 204 10.13 1.55 18.59
C LYS A 204 10.89 1.99 19.83
N MET A 205 10.37 3.02 20.48
CA MET A 205 11.05 3.61 21.63
C MET A 205 11.01 2.67 22.82
N LYS A 206 12.12 2.61 23.55
CA LYS A 206 12.26 1.73 24.69
C LYS A 206 13.22 2.35 25.70
N LYS A 207 12.90 2.22 26.97
CA LYS A 207 13.78 2.72 28.02
C LYS A 207 14.89 1.71 28.31
N SER A 208 16.05 2.24 28.68
CA SER A 208 17.25 1.42 28.79
C SER A 208 18.20 2.06 29.79
N PRO A 209 18.99 1.27 30.51
CA PRO A 209 20.09 1.84 31.29
C PRO A 209 21.14 2.44 30.37
N SER A 210 21.80 3.50 30.85
CA SER A 210 22.85 4.18 30.11
C SER A 210 23.96 4.50 31.10
N ILE A 211 25.05 3.73 31.04
CA ILE A 211 26.05 3.75 32.09
C ILE A 211 27.43 4.07 31.50
N PHE A 212 28.26 4.68 32.33
CA PHE A 212 29.65 4.96 32.01
C PHE A 212 30.51 4.14 32.98
N VAL A 213 31.37 3.29 32.45
CA VAL A 213 32.11 2.31 33.23
C VAL A 213 33.61 2.53 33.05
N ALA A 214 34.36 2.42 34.15
CA ALA A 214 35.81 2.59 34.14
C ALA A 214 36.50 1.24 34.05
N PHE A 215 37.38 1.10 33.06
CA PHE A 215 38.22 -0.08 32.88
C PHE A 215 39.64 0.31 33.24
N GLY A 216 40.14 -0.20 34.37
CA GLY A 216 41.47 0.16 34.81
C GLY A 216 42.55 -0.50 33.96
N LEU A 217 43.56 0.28 33.61
CA LEU A 217 44.70 -0.25 32.88
C LEU A 217 45.52 -1.16 33.79
N LYS A 218 46.01 -2.27 33.23
CA LYS A 218 46.81 -3.19 34.01
C LYS A 218 48.15 -2.56 34.39
N LYS A 219 48.83 -3.18 35.36
CA LYS A 219 50.04 -2.61 35.91
C LYS A 219 51.12 -2.43 34.83
N GLU A 220 51.26 -3.41 33.95
CA GLU A 220 52.26 -3.30 32.89
C GLU A 220 51.91 -2.20 31.91
N SER A 221 50.62 -2.02 31.62
CA SER A 221 50.20 -0.97 30.70
C SER A 221 50.36 0.41 31.34
N LEU A 222 50.04 0.54 32.63
CA LEU A 222 50.36 1.76 33.36
C LEU A 222 51.85 2.05 33.31
N GLU A 223 52.68 1.00 33.42
CA GLU A 223 54.12 1.18 33.40
C GLU A 223 54.63 1.54 32.01
N LYS A 224 53.99 1.02 30.96
CA LYS A 224 54.40 1.39 29.61
C LYS A 224 53.93 2.79 29.24
N LEU A 225 52.81 3.24 29.81
CA LEU A 225 52.29 4.57 29.54
C LEU A 225 52.91 5.64 30.45
N LYS A 226 53.60 5.22 31.51
CA LYS A 226 54.36 6.09 32.39
C LYS A 226 53.48 7.04 33.20
N VAL A 227 52.30 6.57 33.63
CA VAL A 227 51.41 7.37 34.48
C VAL A 227 51.03 6.56 35.71
N LYS A 228 50.56 7.26 36.73
CA LYS A 228 50.21 6.63 38.00
C LYS A 228 48.89 5.86 37.88
N LYS A 229 47.82 6.54 37.48
CA LYS A 229 46.52 5.93 37.29
C LYS A 229 46.01 6.22 35.88
N ALA A 230 45.23 5.27 35.34
CA ALA A 230 44.57 5.49 34.05
C ALA A 230 43.49 4.43 33.89
N SER A 231 42.26 4.88 33.64
CA SER A 231 41.15 3.97 33.39
C SER A 231 40.34 4.49 32.21
N LEU A 232 40.23 3.68 31.17
CA LEU A 232 39.38 4.04 30.04
C LEU A 232 37.92 3.97 30.46
N VAL A 233 37.16 4.99 30.08
CA VAL A 233 35.74 5.07 30.38
C VAL A 233 34.95 4.71 29.13
N ILE A 234 34.07 3.73 29.24
CA ILE A 234 33.20 3.34 28.15
C ILE A 234 31.77 3.73 28.49
N TRP A 235 30.99 4.01 27.45
CA TRP A 235 29.55 4.20 27.58
C TRP A 235 28.83 3.07 26.86
N THR A 236 27.80 2.52 27.50
CA THR A 236 27.03 1.45 26.92
C THR A 236 25.60 1.49 27.45
N THR A 237 24.67 1.08 26.61
CA THR A 237 23.29 0.85 27.00
C THR A 237 22.99 -0.64 27.21
N THR A 238 24.00 -1.50 27.09
CA THR A 238 23.83 -2.94 27.21
C THR A 238 24.84 -3.50 28.20
N PRO A 239 24.63 -3.27 29.50
CA PRO A 239 25.46 -3.94 30.51
C PRO A 239 25.33 -5.47 30.51
N TRP A 240 24.33 -6.03 29.81
CA TRP A 240 24.24 -7.48 29.74
C TRP A 240 25.31 -8.09 28.84
N THR A 241 25.98 -7.27 28.04
CA THR A 241 27.05 -7.73 27.17
C THR A 241 28.43 -7.56 27.77
N LEU A 242 28.54 -6.95 28.95
CA LEU A 242 29.84 -6.68 29.54
C LEU A 242 30.59 -7.96 29.88
N TYR A 243 29.86 -9.05 30.14
CA TYR A 243 30.51 -10.33 30.38
C TYR A 243 31.34 -10.78 29.18
N ALA A 244 30.96 -10.35 27.98
CA ALA A 244 31.58 -10.79 26.74
C ALA A 244 32.55 -9.76 26.18
N ASN A 245 32.99 -8.81 26.99
CA ASN A 245 33.98 -7.83 26.54
C ASN A 245 35.32 -8.52 26.32
N VAL A 246 36.00 -8.13 25.24
CA VAL A 246 37.36 -8.61 24.97
C VAL A 246 38.24 -7.42 24.59
N ALA A 247 37.62 -6.27 24.31
CA ALA A 247 38.38 -5.13 23.81
C ALA A 247 37.67 -3.83 24.13
N ILE A 248 38.45 -2.75 24.11
CA ILE A 248 37.95 -1.38 24.17
C ILE A 248 38.46 -0.67 22.91
N ALA A 249 37.54 -0.21 22.08
CA ALA A 249 37.89 0.38 20.79
C ALA A 249 37.98 1.89 20.90
N LEU A 250 39.01 2.46 20.28
CA LEU A 250 39.23 3.89 20.25
C LEU A 250 39.27 4.37 18.80
N LYS A 251 39.13 5.68 18.62
CA LYS A 251 39.24 6.25 17.30
C LYS A 251 40.71 6.37 16.91
N LYS A 252 41.03 5.94 15.69
CA LYS A 252 42.41 6.02 15.20
C LYS A 252 42.87 7.46 15.13
N ASP A 253 44.13 7.68 15.53
CA ASP A 253 44.81 8.97 15.40
C ASP A 253 43.99 10.11 16.02
N ALA A 254 43.60 9.91 17.27
CA ALA A 254 42.80 10.86 18.02
C ALA A 254 43.44 11.08 19.38
N VAL A 255 43.28 12.28 19.90
CA VAL A 255 43.84 12.66 21.19
C VAL A 255 42.88 12.23 22.29
N TYR A 256 43.43 11.57 23.32
CA TYR A 256 42.65 11.13 24.47
C TYR A 256 43.21 11.78 25.72
N ALA A 257 42.34 12.43 26.48
CA ALA A 257 42.74 13.21 27.65
C ALA A 257 42.72 12.34 28.91
N LEU A 258 43.80 12.44 29.69
CA LEU A 258 43.90 11.78 30.98
C LEU A 258 43.59 12.81 32.07
N THR A 259 42.55 12.53 32.87
CA THR A 259 42.15 13.46 33.90
C THR A 259 43.01 13.27 35.16
N GLN A 260 42.95 14.26 36.05
CA GLN A 260 43.77 14.24 37.25
C GLN A 260 43.37 13.11 38.19
N LYS A 261 42.09 12.73 38.21
CA LYS A 261 41.65 11.56 38.96
C LYS A 261 42.03 10.25 38.28
N GLY A 262 42.52 10.29 37.05
CA GLY A 262 43.01 9.11 36.39
C GLY A 262 42.01 8.46 35.46
N TYR A 263 41.21 9.26 34.78
CA TYR A 263 40.23 8.77 33.81
C TYR A 263 40.63 9.17 32.40
N LEU A 264 40.53 8.24 31.47
CA LEU A 264 41.02 8.40 30.11
C LEU A 264 39.85 8.37 29.15
N VAL A 265 39.59 9.50 28.49
CA VAL A 265 38.52 9.62 27.51
C VAL A 265 39.03 10.44 26.34
N ALA A 266 38.24 10.50 25.28
CA ALA A 266 38.58 11.29 24.11
C ALA A 266 38.55 12.78 24.46
N LYS A 267 39.55 13.52 23.97
CA LYS A 267 39.66 14.93 24.30
C LYS A 267 38.46 15.72 23.79
N ALA A 268 37.94 15.35 22.62
CA ALA A 268 36.81 16.06 22.03
C ALA A 268 35.54 15.94 22.86
N LEU A 269 35.46 14.95 23.75
CA LEU A 269 34.27 14.73 24.56
C LEU A 269 34.47 15.01 26.04
N HIS A 270 35.64 15.52 26.45
CA HIS A 270 35.88 15.74 27.87
C HIS A 270 34.97 16.83 28.44
N GLU A 271 34.66 17.86 27.66
CA GLU A 271 33.82 18.93 28.17
C GLU A 271 32.41 18.44 28.46
N LYS A 272 31.85 17.61 27.57
CA LYS A 272 30.54 17.03 27.82
C LYS A 272 30.57 16.09 29.03
N LEU A 273 31.60 15.24 29.10
CA LEU A 273 31.64 14.24 30.16
C LEU A 273 31.93 14.87 31.51
N ALA A 274 32.76 15.91 31.54
CA ALA A 274 33.00 16.64 32.79
C ALA A 274 31.74 17.35 33.25
N ALA A 275 31.01 17.98 32.33
CA ALA A 275 29.76 18.65 32.69
C ALA A 275 28.71 17.64 33.14
N LEU A 276 28.75 16.42 32.60
CA LEU A 276 27.86 15.36 33.06
C LEU A 276 28.28 14.80 34.42
N GLY A 277 29.46 15.15 34.92
CA GLY A 277 29.93 14.57 36.15
C GLY A 277 30.47 13.17 36.02
N VAL A 278 30.74 12.71 34.80
CA VAL A 278 31.33 11.38 34.61
C VAL A 278 32.78 11.38 35.04
N VAL A 279 33.55 12.36 34.57
CA VAL A 279 34.97 12.49 34.91
C VAL A 279 35.20 13.88 35.49
N ASP A 280 36.38 14.07 36.07
CA ASP A 280 36.75 15.37 36.61
C ASP A 280 37.18 16.30 35.48
N ASN A 281 37.42 17.55 35.84
CA ASN A 281 37.63 18.61 34.85
C ASN A 281 39.11 18.86 34.55
N GLU A 282 40.01 18.47 35.43
CA GLU A 282 41.43 18.77 35.25
C GLU A 282 42.07 17.72 34.35
N ILE A 283 42.77 18.18 33.32
CA ILE A 283 43.46 17.30 32.38
C ILE A 283 44.96 17.39 32.66
N THR A 284 45.56 16.25 33.00
CA THR A 284 46.99 16.21 33.28
C THR A 284 47.82 15.91 32.04
N HIS A 285 47.37 14.99 31.19
CA HIS A 285 48.14 14.59 30.03
C HIS A 285 47.20 14.28 28.87
N GLU A 286 47.77 14.32 27.67
CA GLU A 286 47.07 13.93 26.45
C GLU A 286 47.90 12.89 25.71
N PHE A 287 47.24 11.87 25.17
CA PHE A 287 47.90 10.79 24.46
C PHE A 287 47.19 10.54 23.14
N ASN A 288 47.98 10.16 22.13
CA ASN A 288 47.41 9.72 20.87
C ASN A 288 46.95 8.27 21.00
N SER A 289 45.79 7.96 20.40
CA SER A 289 45.25 6.62 20.48
C SER A 289 46.17 5.59 19.83
N ASN A 290 46.99 6.03 18.86
CA ASN A 290 47.95 5.12 18.26
C ASN A 290 48.93 4.57 19.30
N ASP A 291 49.35 5.41 20.25
CA ASP A 291 50.23 4.99 21.31
C ASP A 291 49.52 4.20 22.40
N LEU A 292 48.19 4.11 22.35
CA LEU A 292 47.44 3.34 23.33
C LEU A 292 47.03 1.97 22.82
N GLU A 293 47.09 1.74 21.51
CA GLU A 293 46.76 0.43 20.97
C GLU A 293 47.68 -0.64 21.55
N TYR A 294 47.10 -1.79 21.86
CA TYR A 294 47.73 -2.97 22.44
C TYR A 294 48.05 -2.80 23.92
N LEU A 295 47.68 -1.70 24.54
CA LEU A 295 47.59 -1.70 26.00
C LEU A 295 46.44 -2.60 26.43
N VAL A 296 46.50 -3.06 27.68
CA VAL A 296 45.52 -3.99 28.22
C VAL A 296 44.89 -3.38 29.46
N ALA A 297 43.57 -3.50 29.56
CA ALA A 297 42.80 -3.05 30.70
C ALA A 297 42.14 -4.25 31.38
N THR A 298 41.51 -3.98 32.52
CA THR A 298 40.87 -5.02 33.33
C THR A 298 39.37 -4.76 33.41
N ASN A 299 38.58 -5.74 32.98
CA ASN A 299 37.13 -5.64 33.08
C ASN A 299 36.72 -5.63 34.54
N PRO A 300 36.05 -4.58 35.03
CA PRO A 300 35.67 -4.54 36.45
C PRO A 300 34.54 -5.50 36.80
N LEU A 301 33.90 -6.13 35.81
CA LEU A 301 32.81 -7.07 36.11
C LEU A 301 33.35 -8.46 36.43
N ASN A 302 34.42 -8.89 35.75
CA ASN A 302 34.89 -10.26 35.91
C ASN A 302 36.41 -10.37 35.98
N GLN A 303 37.15 -9.25 36.04
CA GLN A 303 38.59 -9.18 36.14
C GLN A 303 39.32 -9.69 34.90
N ARG A 304 38.59 -9.94 33.81
CA ARG A 304 39.24 -10.43 32.59
C ARG A 304 39.97 -9.29 31.88
N ASP A 305 40.96 -9.68 31.08
CA ASP A 305 41.69 -8.70 30.28
C ASP A 305 40.78 -8.07 29.22
N SER A 306 41.16 -6.88 28.80
CA SER A 306 40.50 -6.19 27.69
C SER A 306 41.57 -5.49 26.86
N LEU A 307 41.61 -5.83 25.57
CA LEU A 307 42.61 -5.26 24.68
C LEU A 307 42.20 -3.87 24.23
N VAL A 308 43.10 -2.89 24.38
CA VAL A 308 42.86 -1.56 23.84
C VAL A 308 43.12 -1.63 22.34
N ALA A 309 42.06 -1.46 21.56
CA ALA A 309 42.13 -1.62 20.10
C ALA A 309 41.65 -0.33 19.44
N LEU A 310 41.75 -0.32 18.11
CA LEU A 310 41.37 0.82 17.28
C LEU A 310 40.28 0.38 16.33
N GLY A 311 39.08 0.98 16.47
CA GLY A 311 37.98 0.69 15.59
C GLY A 311 38.00 1.53 14.33
N GLU A 312 37.29 1.04 13.30
CA GLU A 312 37.26 1.73 12.01
C GLU A 312 36.50 3.05 12.10
N HIS A 313 35.44 3.11 12.90
CA HIS A 313 34.65 4.34 12.97
C HIS A 313 34.09 4.49 14.39
N VAL A 314 34.96 4.82 15.33
CA VAL A 314 34.53 5.18 16.68
C VAL A 314 34.08 6.62 16.67
N GLY A 315 32.86 6.88 17.10
CA GLY A 315 32.30 8.20 17.05
C GLY A 315 32.69 9.05 18.25
N LEU A 316 32.88 10.36 18.00
CA LEU A 316 33.18 11.32 19.05
C LEU A 316 32.02 12.29 19.27
N GLU A 317 30.81 11.92 18.85
CA GLU A 317 29.62 12.70 19.11
C GLU A 317 28.84 12.22 20.32
N ASP A 318 28.86 10.91 20.57
CA ASP A 318 28.22 10.30 21.72
C ASP A 318 29.24 9.52 22.52
N GLY A 319 28.87 9.17 23.75
CA GLY A 319 29.70 8.30 24.55
C GLY A 319 30.99 8.98 25.01
N THR A 320 32.09 8.25 24.90
CA THR A 320 33.37 8.68 25.45
C THR A 320 34.53 8.62 24.47
N GLY A 321 34.35 8.07 23.28
CA GLY A 321 35.47 7.75 22.42
C GLY A 321 36.12 6.41 22.73
N ALA A 322 35.58 5.67 23.70
CA ALA A 322 36.07 4.34 24.06
C ALA A 322 34.88 3.40 24.06
N VAL A 323 34.90 2.40 23.18
CA VAL A 323 33.75 1.55 22.91
C VAL A 323 34.02 0.16 23.49
N HIS A 324 33.22 -0.24 24.47
CA HIS A 324 33.24 -1.62 24.97
C HIS A 324 32.84 -2.57 23.84
N THR A 325 33.76 -3.49 23.52
CA THR A 325 33.62 -4.33 22.33
C THR A 325 33.31 -5.76 22.76
N ALA A 326 32.20 -6.29 22.25
CA ALA A 326 31.78 -7.67 22.54
C ALA A 326 31.44 -8.35 21.23
N PRO A 327 32.41 -9.06 20.63
CA PRO A 327 32.16 -9.69 19.32
C PRO A 327 30.95 -10.61 19.28
N GLY A 328 30.52 -11.17 20.40
CA GLY A 328 29.41 -12.11 20.38
C GLY A 328 28.05 -11.46 20.19
N HIS A 329 27.95 -10.16 20.45
CA HIS A 329 26.66 -9.48 20.47
C HIS A 329 26.63 -8.19 19.65
N GLY A 330 27.63 -7.96 18.82
CA GLY A 330 27.65 -6.80 17.93
C GLY A 330 28.33 -7.12 16.62
N GLU A 331 27.78 -6.64 15.50
CA GLU A 331 28.33 -7.02 14.20
C GLU A 331 29.70 -6.36 13.97
N GLU A 332 29.78 -5.04 14.15
CA GLU A 332 31.07 -4.38 14.01
C GLU A 332 32.04 -4.79 15.12
N ASP A 333 31.51 -5.17 16.28
CA ASP A 333 32.37 -5.74 17.32
C ASP A 333 32.98 -7.06 16.85
N TYR A 334 32.19 -7.88 16.17
CA TYR A 334 32.64 -9.20 15.73
C TYR A 334 33.83 -9.09 14.78
N TYR A 335 33.71 -8.19 13.79
CA TYR A 335 34.79 -8.05 12.81
C TYR A 335 36.05 -7.48 13.45
N LEU A 336 35.91 -6.56 14.42
CA LEU A 336 37.07 -6.05 15.12
C LEU A 336 37.75 -7.15 15.94
N GLY A 337 36.96 -8.00 16.60
CA GLY A 337 37.53 -9.10 17.33
C GLY A 337 38.31 -10.05 16.44
N LEU A 338 37.82 -10.27 15.22
CA LEU A 338 38.55 -11.10 14.27
C LEU A 338 39.77 -10.38 13.71
N ARG A 339 39.72 -9.05 13.60
CA ARG A 339 40.87 -8.30 13.11
C ARG A 339 42.06 -8.44 14.05
N TYR A 340 41.81 -8.47 15.36
CA TYR A 340 42.85 -8.65 16.36
C TYR A 340 42.92 -10.08 16.89
N ASN A 341 42.14 -11.00 16.33
CA ASN A 341 42.17 -12.42 16.68
C ASN A 341 41.82 -12.66 18.15
N LEU A 342 40.71 -12.06 18.59
CA LEU A 342 40.25 -12.22 19.95
C LEU A 342 39.16 -13.29 20.04
N GLU A 343 38.87 -13.68 21.27
CA GLU A 343 37.82 -14.66 21.53
C GLU A 343 36.46 -14.10 21.18
N VAL A 344 35.59 -14.95 20.66
CA VAL A 344 34.18 -14.61 20.45
C VAL A 344 33.43 -15.20 21.63
N LEU A 345 33.27 -14.39 22.67
CA LEU A 345 32.53 -14.82 23.87
C LEU A 345 31.04 -14.65 23.62
N MET A 346 30.30 -15.76 23.76
CA MET A 346 28.85 -15.73 23.54
C MET A 346 28.23 -16.87 24.34
N SER A 347 27.69 -16.54 25.52
CA SER A 347 27.09 -17.53 26.40
C SER A 347 25.63 -17.21 26.70
N VAL A 348 24.92 -16.65 25.72
CA VAL A 348 23.49 -16.39 25.83
C VAL A 348 22.78 -17.39 24.93
N ASP A 349 21.85 -18.15 25.51
CA ASP A 349 21.25 -19.23 24.73
C ASP A 349 20.13 -18.68 23.84
N GLU A 350 19.39 -19.59 23.22
CA GLU A 350 18.37 -19.22 22.26
C GLU A 350 17.17 -18.53 22.92
N LYS A 351 17.04 -18.63 24.24
CA LYS A 351 15.95 -17.98 24.97
C LYS A 351 16.41 -16.71 25.66
N GLY A 352 17.55 -16.16 25.27
CA GLY A 352 18.05 -14.93 25.86
C GLY A 352 18.51 -15.06 27.30
N CYS A 353 18.98 -16.24 27.71
CA CYS A 353 19.41 -16.48 29.07
C CYS A 353 20.86 -16.94 29.09
N TYR A 354 21.63 -16.47 30.07
CA TYR A 354 23.01 -16.91 30.22
C TYR A 354 23.06 -18.42 30.44
N ASP A 355 23.97 -19.09 29.74
CA ASP A 355 24.14 -20.53 29.89
C ASP A 355 25.44 -20.85 30.61
N GLU A 356 25.81 -22.13 30.62
CA GLU A 356 26.96 -22.61 31.37
C GLU A 356 28.28 -22.05 30.87
N GLY A 357 28.29 -21.39 29.71
CA GLY A 357 29.51 -20.80 29.20
C GLY A 357 30.08 -19.71 30.10
N ILE A 358 29.25 -19.08 30.92
CA ILE A 358 29.75 -18.06 31.84
C ILE A 358 30.54 -18.71 32.97
N ILE A 359 30.25 -19.97 33.29
CA ILE A 359 30.99 -20.67 34.33
C ILE A 359 32.32 -21.19 33.79
N HIS A 360 32.27 -21.92 32.68
CA HIS A 360 33.47 -22.53 32.12
C HIS A 360 34.51 -21.49 31.72
N ASN A 361 34.06 -20.33 31.25
CA ASN A 361 34.97 -19.27 30.81
C ASN A 361 35.12 -18.16 31.86
N GLN A 362 34.58 -18.38 33.06
CA GLN A 362 34.51 -17.38 34.14
C GLN A 362 34.28 -15.98 33.60
N LEU A 363 33.17 -15.82 32.89
CA LEU A 363 32.75 -14.52 32.38
C LEU A 363 31.81 -13.80 33.33
N LEU A 364 31.10 -14.54 34.16
CA LEU A 364 30.07 -13.96 35.02
C LEU A 364 29.80 -14.93 36.16
N ASP A 365 29.46 -14.39 37.33
CA ASP A 365 29.25 -15.23 38.51
C ASP A 365 28.14 -16.25 38.24
N GLU A 366 28.28 -17.42 38.89
CA GLU A 366 27.36 -18.53 38.65
C GLU A 366 25.93 -18.17 39.01
N SER A 367 25.72 -17.16 39.85
CA SER A 367 24.37 -16.78 40.24
C SER A 367 23.54 -16.28 39.07
N TYR A 368 24.18 -15.92 37.97
CA TYR A 368 23.50 -15.45 36.77
C TYR A 368 23.09 -16.57 35.82
N LEU A 369 23.37 -17.83 36.18
CA LEU A 369 23.01 -18.94 35.31
C LEU A 369 21.50 -19.04 35.15
N GLY A 370 21.06 -19.16 33.90
CA GLY A 370 19.64 -19.24 33.59
C GLY A 370 18.90 -17.91 33.59
N GLU A 371 19.50 -16.85 34.11
CA GLU A 371 18.84 -15.55 34.14
C GLU A 371 18.78 -14.94 32.75
N HIS A 372 17.64 -14.31 32.44
CA HIS A 372 17.51 -13.58 31.19
C HIS A 372 18.39 -12.33 31.24
N VAL A 373 18.96 -11.97 30.08
CA VAL A 373 19.94 -10.90 30.03
C VAL A 373 19.33 -9.56 30.45
N PHE A 374 18.05 -9.33 30.15
CA PHE A 374 17.44 -8.07 30.49
C PHE A 374 17.06 -7.98 31.96
N LYS A 375 16.72 -9.10 32.59
CA LYS A 375 16.44 -9.10 34.02
C LYS A 375 17.71 -9.05 34.86
N ALA A 376 18.84 -9.49 34.31
CA ALA A 376 20.09 -9.51 35.06
C ALA A 376 20.83 -8.19 35.08
N GLN A 377 20.36 -7.19 34.31
CA GLN A 377 21.15 -5.96 34.16
C GLN A 377 21.14 -5.12 35.43
N LYS A 378 20.05 -5.11 36.20
CA LYS A 378 20.02 -4.36 37.45
C LYS A 378 21.11 -4.85 38.40
N ARG A 379 21.29 -6.16 38.50
CA ARG A 379 22.27 -6.70 39.43
C ARG A 379 23.69 -6.58 38.89
N ILE A 380 23.85 -6.59 37.56
CA ILE A 380 25.16 -6.37 36.96
C ILE A 380 25.63 -4.95 37.24
N ILE A 381 24.73 -3.97 37.09
CA ILE A 381 25.10 -2.58 37.34
C ILE A 381 25.53 -2.38 38.78
N GLU A 382 24.81 -3.00 39.73
CA GLU A 382 25.21 -2.92 41.13
C GLU A 382 26.57 -3.59 41.34
N GLN A 383 26.84 -4.68 40.64
CA GLN A 383 28.09 -5.40 40.81
C GLN A 383 29.29 -4.62 40.26
N LEU A 384 29.05 -3.60 39.43
CA LEU A 384 30.14 -2.77 38.92
C LEU A 384 30.81 -1.96 40.02
N GLY A 385 30.15 -1.78 41.16
CA GLY A 385 30.79 -1.12 42.29
C GLY A 385 31.09 0.34 41.99
N ASP A 386 32.32 0.75 42.31
CA ASP A 386 32.76 2.12 42.08
C ASP A 386 33.32 2.36 40.69
N SER A 387 33.48 1.31 39.88
CA SER A 387 33.82 1.49 38.48
C SER A 387 32.67 2.08 37.68
N LEU A 388 31.47 2.12 38.26
CA LEU A 388 30.32 2.77 37.64
C LEU A 388 30.39 4.26 37.93
N LEU A 389 30.69 5.07 36.91
CA LEU A 389 30.89 6.49 37.16
C LEU A 389 29.58 7.27 37.10
N LEU A 390 28.60 6.80 36.33
CA LEU A 390 27.31 7.48 36.22
C LEU A 390 26.30 6.53 35.59
N GLU A 391 25.10 6.49 36.15
CA GLU A 391 23.99 5.74 35.60
C GLU A 391 22.86 6.69 35.24
N GLN A 392 22.35 6.57 34.03
CA GLN A 392 21.16 7.28 33.58
C GLN A 392 20.12 6.27 33.09
N GLU A 393 18.92 6.78 32.81
CA GLU A 393 17.94 6.05 32.03
C GLU A 393 17.55 6.93 30.84
N ILE A 394 17.60 6.35 29.65
CA ILE A 394 17.33 7.06 28.42
C ILE A 394 16.23 6.33 27.66
N GLU A 395 15.87 6.89 26.50
CA GLU A 395 14.90 6.29 25.59
C GLU A 395 15.49 6.33 24.19
N HIS A 396 15.55 5.17 23.54
CA HIS A 396 16.10 5.07 22.20
C HIS A 396 15.25 4.15 21.33
N SER A 397 15.37 4.35 20.03
CA SER A 397 14.74 3.45 19.06
C SER A 397 15.42 2.09 19.12
N TYR A 398 14.62 1.04 19.32
CA TYR A 398 15.18 -0.28 19.54
C TYR A 398 14.43 -1.35 18.77
N PRO A 399 15.14 -2.33 18.20
CA PRO A 399 14.48 -3.34 17.36
C PRO A 399 13.64 -4.32 18.19
N HIS A 400 12.41 -4.55 17.72
CA HIS A 400 11.50 -5.52 18.32
C HIS A 400 11.05 -6.52 17.27
N CYS A 401 10.64 -7.70 17.75
CA CYS A 401 10.12 -8.75 16.87
C CYS A 401 8.72 -8.37 16.39
N TRP A 402 8.47 -8.56 15.09
CA TRP A 402 7.24 -8.04 14.49
C TRP A 402 5.99 -8.77 14.97
N ARG A 403 6.11 -9.98 15.51
CA ARG A 403 4.94 -10.74 15.93
C ARG A 403 4.87 -11.00 17.43
N THR A 404 6.01 -11.32 18.06
CA THR A 404 6.02 -11.45 19.51
C THR A 404 6.08 -10.11 20.22
N HIS A 405 6.48 -9.05 19.51
CA HIS A 405 6.58 -7.70 20.05
C HIS A 405 7.56 -7.59 21.21
N LYS A 406 8.39 -8.60 21.39
CA LYS A 406 9.43 -8.50 22.38
C LYS A 406 10.69 -7.89 21.78
N PRO A 407 11.50 -7.20 22.58
CA PRO A 407 12.75 -6.65 22.06
C PRO A 407 13.70 -7.78 21.67
N VAL A 408 14.44 -7.57 20.59
CA VAL A 408 15.37 -8.57 20.11
C VAL A 408 16.77 -8.25 20.62
N ILE A 409 17.65 -9.24 20.56
CA ILE A 409 19.05 -9.05 20.90
C ILE A 409 19.88 -9.48 19.70
N TYR A 410 21.20 -9.50 19.87
CA TYR A 410 22.12 -10.01 18.85
C TYR A 410 22.90 -11.17 19.43
N ARG A 411 22.98 -12.26 18.69
CA ARG A 411 23.75 -13.44 19.09
C ARG A 411 24.61 -13.89 17.93
N ALA A 412 25.90 -14.10 18.20
CA ALA A 412 26.77 -14.70 17.20
C ALA A 412 26.31 -16.12 16.90
N THR A 413 25.89 -16.36 15.66
CA THR A 413 25.34 -17.64 15.29
C THR A 413 25.62 -17.90 13.81
N THR A 414 25.60 -19.19 13.45
CA THR A 414 25.80 -19.61 12.07
C THR A 414 24.44 -19.73 11.38
N GLN A 415 24.24 -18.92 10.34
CA GLN A 415 22.98 -18.90 9.60
C GLN A 415 23.30 -18.86 8.11
N TRP A 416 22.24 -18.95 7.31
CA TRP A 416 22.36 -18.92 5.85
C TRP A 416 21.99 -17.55 5.32
N PHE A 417 22.72 -17.10 4.30
CA PHE A 417 22.59 -15.74 3.80
C PHE A 417 22.54 -15.72 2.28
N ILE A 418 21.80 -14.75 1.75
CA ILE A 418 21.95 -14.33 0.36
C ILE A 418 22.90 -13.13 0.35
N LEU A 419 24.00 -13.26 -0.37
CA LEU A 419 25.06 -12.27 -0.33
C LEU A 419 24.77 -11.13 -1.29
N MET A 420 24.94 -9.89 -0.81
CA MET A 420 24.63 -8.70 -1.59
C MET A 420 25.81 -8.24 -2.44
N ASP A 421 27.04 -8.38 -1.93
CA ASP A 421 28.23 -7.86 -2.57
C ASP A 421 29.13 -8.98 -3.08
N GLU A 422 28.52 -10.08 -3.51
CA GLU A 422 29.25 -11.22 -4.06
C GLU A 422 28.99 -11.29 -5.55
N PRO A 423 30.00 -11.14 -6.41
CA PRO A 423 29.76 -11.21 -7.85
C PRO A 423 29.25 -12.58 -8.27
N PHE A 424 28.27 -12.59 -9.16
CA PHE A 424 27.74 -13.83 -9.70
C PHE A 424 27.50 -13.66 -11.19
N ILE A 425 27.47 -14.80 -11.90
CA ILE A 425 27.41 -14.80 -13.35
C ILE A 425 26.01 -14.42 -13.82
N GLN A 426 25.92 -13.36 -14.61
CA GLN A 426 24.64 -12.91 -15.14
C GLN A 426 24.18 -13.80 -16.28
N ASN A 427 22.89 -13.70 -16.60
CA ASN A 427 22.34 -14.52 -17.68
C ASN A 427 22.89 -14.13 -19.03
N ASP A 428 23.36 -12.89 -19.18
CA ASP A 428 23.98 -12.44 -20.42
C ASP A 428 25.48 -12.72 -20.48
N GLY A 429 26.04 -13.34 -19.44
CA GLY A 429 27.43 -13.72 -19.43
C GLY A 429 28.36 -12.78 -18.68
N SER A 430 27.86 -11.68 -18.14
CA SER A 430 28.69 -10.71 -17.45
C SER A 430 28.75 -11.04 -15.95
N GLN A 431 29.50 -10.22 -15.21
CA GLN A 431 29.76 -10.44 -13.79
C GLN A 431 29.32 -9.22 -13.00
N LYS A 432 28.45 -9.43 -12.02
CA LYS A 432 27.91 -8.33 -11.22
C LYS A 432 27.51 -8.87 -9.85
N THR A 433 27.48 -7.97 -8.88
CA THR A 433 26.94 -8.27 -7.56
C THR A 433 25.42 -8.07 -7.54
N LEU A 434 24.77 -8.73 -6.58
CA LEU A 434 23.32 -8.59 -6.46
C LEU A 434 22.92 -7.15 -6.14
N ARG A 435 23.75 -6.46 -5.35
CA ARG A 435 23.46 -5.07 -5.05
C ARG A 435 23.49 -4.22 -6.31
N GLU A 436 24.44 -4.49 -7.20
CA GLU A 436 24.53 -3.74 -8.45
C GLU A 436 23.35 -4.05 -9.37
N VAL A 437 22.93 -5.31 -9.41
CA VAL A 437 21.82 -5.69 -10.29
C VAL A 437 20.51 -5.07 -9.80
N ALA A 438 20.27 -5.10 -8.48
CA ALA A 438 19.04 -4.54 -7.95
C ALA A 438 18.97 -3.04 -8.17
N LEU A 439 20.11 -2.34 -8.02
CA LEU A 439 20.13 -0.91 -8.25
C LEU A 439 19.87 -0.58 -9.71
N ASP A 440 20.43 -1.35 -10.64
CA ASP A 440 20.15 -1.13 -12.05
C ASP A 440 18.73 -1.52 -12.41
N ALA A 441 18.14 -2.50 -11.72
CA ALA A 441 16.78 -2.93 -12.04
C ALA A 441 15.75 -1.94 -11.50
N ILE A 442 16.05 -1.27 -10.39
CA ILE A 442 15.17 -0.23 -9.86
C ILE A 442 14.96 0.88 -10.89
N GLU A 443 16.02 1.22 -11.64
CA GLU A 443 15.95 2.33 -12.58
C GLU A 443 14.98 2.07 -13.73
N LYS A 444 14.70 0.81 -14.05
CA LYS A 444 13.80 0.47 -15.15
C LYS A 444 12.35 0.37 -14.69
N VAL A 445 12.07 0.58 -13.41
CA VAL A 445 10.74 0.44 -12.84
C VAL A 445 10.12 1.81 -12.68
N GLU A 446 8.88 1.96 -13.13
CA GLU A 446 8.14 3.19 -12.88
C GLU A 446 7.51 3.14 -11.49
N PHE A 447 7.72 4.19 -10.71
CA PHE A 447 7.22 4.26 -9.34
C PHE A 447 6.12 5.31 -9.25
N VAL A 448 4.99 4.94 -8.65
CA VAL A 448 3.89 5.85 -8.44
C VAL A 448 3.52 5.82 -6.96
N PRO A 449 3.77 6.89 -6.20
CA PRO A 449 4.41 8.14 -6.66
C PRO A 449 5.90 7.96 -6.91
N SER A 450 6.50 8.88 -7.66
CA SER A 450 7.91 8.77 -8.00
C SER A 450 8.78 8.64 -6.75
N SER A 451 8.35 9.26 -5.64
CA SER A 451 9.17 9.31 -4.44
C SER A 451 9.51 7.91 -3.92
N GLY A 452 8.62 6.94 -4.12
CA GLY A 452 8.88 5.58 -3.67
C GLY A 452 10.09 4.94 -4.30
N LYS A 453 10.64 5.52 -5.36
CA LYS A 453 11.79 4.93 -6.02
C LYS A 453 13.03 5.01 -5.13
N ASN A 454 13.39 6.21 -4.66
CA ASN A 454 14.58 6.37 -3.85
C ASN A 454 14.39 5.85 -2.43
N ARG A 455 13.15 5.63 -2.01
CA ARG A 455 12.93 4.91 -0.76
C ARG A 455 13.42 3.47 -0.90
N LEU A 456 13.10 2.84 -2.03
CA LEU A 456 13.60 1.50 -2.29
C LEU A 456 15.08 1.54 -2.65
N LYS A 457 15.49 2.57 -3.39
CA LYS A 457 16.90 2.68 -3.79
C LYS A 457 17.81 2.84 -2.58
N THR A 458 17.37 3.62 -1.59
CA THR A 458 18.18 3.83 -0.40
C THR A 458 18.32 2.55 0.41
N MET A 459 17.21 1.79 0.56
CA MET A 459 17.29 0.53 1.30
C MET A 459 18.21 -0.47 0.61
N ILE A 460 18.20 -0.50 -0.73
CA ILE A 460 19.08 -1.38 -1.46
C ILE A 460 20.53 -0.95 -1.30
N GLU A 461 20.77 0.37 -1.28
CA GLU A 461 22.14 0.86 -1.15
C GLU A 461 22.74 0.52 0.21
N ASN A 462 21.92 0.38 1.25
CA ASN A 462 22.41 0.23 2.61
C ASN A 462 22.14 -1.13 3.23
N ARG A 463 21.40 -2.01 2.57
CA ARG A 463 21.01 -3.27 3.20
C ARG A 463 22.22 -4.20 3.32
N PRO A 464 22.25 -5.03 4.37
CA PRO A 464 23.33 -6.01 4.50
C PRO A 464 22.98 -7.31 3.82
N ASP A 465 23.76 -8.37 4.06
CA ASP A 465 23.39 -9.68 3.57
C ASP A 465 22.07 -10.12 4.19
N TRP A 466 21.30 -10.88 3.43
CA TRP A 466 19.94 -11.28 3.80
C TRP A 466 19.98 -12.64 4.48
N CYS A 467 19.74 -12.65 5.79
CA CYS A 467 19.67 -13.89 6.54
C CYS A 467 18.37 -14.62 6.21
N LEU A 468 18.47 -15.82 5.65
CA LEU A 468 17.32 -16.59 5.19
C LEU A 468 16.82 -17.63 6.19
N SER A 469 17.68 -18.11 7.07
CA SER A 469 17.37 -19.28 7.89
C SER A 469 16.66 -18.88 9.18
N ARG A 470 15.51 -19.53 9.44
CA ARG A 470 14.75 -19.36 10.66
C ARG A 470 14.65 -20.68 11.38
N GLN A 471 14.38 -20.62 12.69
CA GLN A 471 14.35 -21.80 13.54
C GLN A 471 12.93 -22.18 13.96
N ARG A 472 11.94 -21.81 13.14
CA ARG A 472 10.56 -22.19 13.36
C ARG A 472 10.20 -23.36 12.44
N LYS A 473 8.96 -23.82 12.55
CA LYS A 473 8.51 -25.03 11.86
C LYS A 473 7.61 -24.76 10.67
N TRP A 474 6.78 -23.72 10.72
CA TRP A 474 5.77 -23.47 9.70
C TRP A 474 6.40 -22.67 8.56
N GLY A 475 6.82 -23.38 7.51
CA GLY A 475 7.43 -22.73 6.37
C GLY A 475 8.09 -23.76 5.48
N VAL A 476 8.76 -23.24 4.44
CA VAL A 476 9.47 -24.06 3.48
C VAL A 476 10.89 -24.27 4.01
N PRO A 477 11.31 -25.51 4.26
CA PRO A 477 12.66 -25.73 4.78
C PRO A 477 13.72 -25.45 3.72
N LEU A 478 14.88 -25.02 4.20
CA LEU A 478 16.09 -24.98 3.37
C LEU A 478 16.56 -26.41 3.20
N ALA A 479 15.81 -27.15 2.37
CA ALA A 479 15.90 -28.61 2.26
C ALA A 479 17.18 -28.97 1.51
N PHE A 480 18.30 -28.84 2.21
CA PHE A 480 19.59 -29.24 1.68
C PHE A 480 20.27 -30.19 2.66
N PHE A 481 21.10 -31.07 2.11
CA PHE A 481 21.89 -32.00 2.90
C PHE A 481 23.31 -31.49 3.04
N ILE A 482 23.87 -31.64 4.25
CA ILE A 482 25.28 -31.39 4.48
C ILE A 482 26.03 -32.70 4.33
N ASP A 483 27.07 -32.70 3.51
CA ASP A 483 27.89 -33.89 3.29
C ASP A 483 28.94 -33.95 4.39
N LYS A 484 28.78 -34.92 5.31
CA LYS A 484 29.66 -35.00 6.47
C LYS A 484 31.12 -35.13 6.06
N ARG A 485 31.38 -35.82 4.95
CA ARG A 485 32.75 -35.98 4.48
C ARG A 485 33.40 -34.63 4.19
N THR A 486 32.70 -33.77 3.46
CA THR A 486 33.24 -32.47 3.07
C THR A 486 32.71 -31.32 3.92
N ASN A 487 31.67 -31.56 4.72
CA ASN A 487 31.05 -30.53 5.56
C ASN A 487 30.67 -29.30 4.74
N LYS A 488 30.15 -29.55 3.55
CA LYS A 488 29.62 -28.54 2.65
C LYS A 488 28.20 -28.96 2.24
N PRO A 489 27.37 -28.01 1.81
CA PRO A 489 26.04 -28.39 1.33
C PRO A 489 26.12 -29.08 -0.03
N CYS A 490 25.18 -29.99 -0.26
CA CYS A 490 25.10 -30.70 -1.53
C CYS A 490 24.21 -29.92 -2.48
N PHE A 491 24.79 -29.44 -3.58
CA PHE A 491 24.08 -28.65 -4.59
C PHE A 491 24.04 -29.37 -5.93
N GLU A 492 24.12 -30.70 -5.92
CA GLU A 492 24.07 -31.47 -7.16
C GLU A 492 22.63 -31.56 -7.63
N SER A 493 22.42 -31.32 -8.93
CA SER A 493 21.07 -31.06 -9.44
C SER A 493 20.14 -32.26 -9.27
N GLU A 494 20.67 -33.48 -9.35
CA GLU A 494 19.80 -34.65 -9.22
C GLU A 494 19.19 -34.74 -7.82
N VAL A 495 19.96 -34.36 -6.80
CA VAL A 495 19.45 -34.39 -5.43
C VAL A 495 18.40 -33.29 -5.24
N LEU A 496 18.68 -32.10 -5.74
CA LEU A 496 17.80 -30.96 -5.46
C LEU A 496 16.48 -31.06 -6.21
N GLU A 497 16.51 -31.60 -7.43
CA GLU A 497 15.26 -31.77 -8.17
C GLU A 497 14.47 -32.97 -7.65
N HIS A 498 15.14 -33.97 -7.08
CA HIS A 498 14.43 -35.08 -6.46
C HIS A 498 13.63 -34.60 -5.26
N VAL A 499 14.25 -33.78 -4.41
CA VAL A 499 13.53 -33.20 -3.28
C VAL A 499 12.42 -32.28 -3.77
N ALA A 500 12.68 -31.52 -4.84
CA ALA A 500 11.68 -30.60 -5.37
C ALA A 500 10.47 -31.35 -5.90
N ASN A 501 10.69 -32.45 -6.63
CA ASN A 501 9.58 -33.25 -7.12
C ASN A 501 8.73 -33.79 -5.97
N LEU A 502 9.38 -34.22 -4.89
CA LEU A 502 8.65 -34.75 -3.74
C LEU A 502 7.82 -33.66 -3.06
N PHE A 503 8.40 -32.46 -2.93
CA PHE A 503 7.64 -31.34 -2.38
C PHE A 503 6.42 -31.01 -3.24
N GLU A 504 6.56 -31.15 -4.56
CA GLU A 504 5.46 -30.78 -5.45
C GLU A 504 4.30 -31.76 -5.32
N LYS A 505 4.60 -33.05 -5.12
CA LYS A 505 3.57 -34.06 -5.00
C LYS A 505 3.03 -34.20 -3.59
N LYS A 506 3.87 -34.03 -2.56
CA LYS A 506 3.49 -34.31 -1.19
C LYS A 506 3.58 -33.12 -0.24
N GLY A 507 4.31 -32.06 -0.60
CA GLY A 507 4.52 -30.97 0.33
C GLY A 507 5.79 -31.12 1.13
N CYS A 508 6.04 -30.14 1.99
CA CYS A 508 7.28 -30.09 2.74
C CYS A 508 7.24 -30.90 4.04
N ASP A 509 6.10 -31.49 4.40
CA ASP A 509 6.05 -32.29 5.62
C ASP A 509 7.00 -33.48 5.54
N VAL A 510 7.29 -33.96 4.33
CA VAL A 510 8.14 -35.15 4.18
C VAL A 510 9.57 -34.86 4.61
N TRP A 511 10.00 -33.59 4.57
CA TRP A 511 11.35 -33.26 5.00
C TRP A 511 11.55 -33.56 6.48
N TRP A 512 10.48 -33.47 7.27
CA TRP A 512 10.57 -33.86 8.68
C TRP A 512 10.33 -35.36 8.87
N GLU A 513 9.47 -35.94 8.04
CA GLU A 513 9.03 -37.31 8.28
C GLU A 513 9.99 -38.33 7.67
N TYR A 514 10.41 -38.11 6.42
CA TYR A 514 11.20 -39.11 5.72
C TYR A 514 12.62 -39.18 6.28
N SER A 515 13.27 -40.31 6.03
CA SER A 515 14.67 -40.47 6.40
C SER A 515 15.56 -39.83 5.35
N VAL A 516 16.86 -39.82 5.63
CA VAL A 516 17.82 -39.22 4.70
C VAL A 516 17.84 -39.98 3.39
N LYS A 517 17.80 -41.32 3.45
CA LYS A 517 17.86 -42.11 2.23
C LYS A 517 16.56 -42.02 1.44
N ASP A 518 15.42 -41.90 2.12
CA ASP A 518 14.14 -41.79 1.41
C ASP A 518 13.92 -40.41 0.81
N LEU A 519 14.67 -39.41 1.27
CA LEU A 519 14.67 -38.10 0.64
C LEU A 519 15.73 -37.99 -0.45
N LEU A 520 16.60 -39.01 -0.61
CA LEU A 520 17.67 -39.05 -1.59
C LEU A 520 17.25 -39.81 -2.84
N PRO A 521 17.77 -39.41 -3.99
CA PRO A 521 17.50 -40.16 -5.23
C PRO A 521 18.14 -41.53 -5.19
N PRO A 522 17.73 -42.45 -6.08
CA PRO A 522 18.28 -43.81 -6.01
C PRO A 522 19.79 -43.89 -6.11
N SER A 523 20.42 -42.97 -6.83
CA SER A 523 21.86 -43.05 -7.04
C SER A 523 22.66 -42.77 -5.77
N TYR A 524 22.01 -42.46 -4.65
CA TYR A 524 22.69 -41.88 -3.51
C TYR A 524 22.50 -42.62 -2.19
N GLN A 525 21.62 -43.63 -2.12
CA GLN A 525 21.31 -44.22 -0.83
C GLN A 525 22.50 -45.00 -0.25
N GLU A 526 23.39 -45.52 -1.10
CA GLU A 526 24.56 -46.22 -0.57
C GLU A 526 25.45 -45.27 0.23
N ASP A 527 25.39 -43.97 -0.06
CA ASP A 527 26.09 -42.95 0.70
C ASP A 527 25.14 -42.13 1.56
N ALA A 528 24.00 -42.71 1.95
CA ALA A 528 23.04 -41.98 2.77
C ALA A 528 23.61 -41.63 4.14
N LYS A 529 24.60 -42.40 4.61
CA LYS A 529 25.19 -42.14 5.91
C LYS A 529 25.99 -40.83 5.94
N HIS A 530 26.41 -40.34 4.78
CA HIS A 530 27.28 -39.17 4.69
C HIS A 530 26.52 -37.87 4.61
N TYR A 531 25.20 -37.88 4.78
CA TYR A 531 24.39 -36.68 4.58
C TYR A 531 23.53 -36.39 5.80
N GLU A 532 23.37 -35.10 6.11
CA GLU A 532 22.56 -34.64 7.23
C GLU A 532 21.64 -33.52 6.75
N LYS A 533 20.40 -33.55 7.25
CA LYS A 533 19.39 -32.60 6.81
C LYS A 533 19.57 -31.25 7.50
N ILE A 534 19.51 -30.18 6.70
CA ILE A 534 19.34 -28.84 7.25
C ILE A 534 17.88 -28.65 7.61
N MET A 535 17.62 -28.22 8.85
CA MET A 535 16.27 -28.16 9.37
C MET A 535 15.74 -26.74 9.53
N HIS A 536 16.49 -25.73 9.07
CA HIS A 536 15.96 -24.37 9.08
C HIS A 536 14.91 -24.20 7.99
N ILE A 537 13.95 -23.33 8.25
CA ILE A 537 12.95 -22.97 7.26
C ILE A 537 13.31 -21.60 6.70
N LEU A 538 12.71 -21.27 5.56
CA LEU A 538 13.02 -20.03 4.87
C LEU A 538 12.29 -18.86 5.50
N ASP A 539 12.92 -17.68 5.40
CA ASP A 539 12.25 -16.43 5.72
C ASP A 539 10.95 -16.35 4.93
N VAL A 540 9.86 -16.05 5.63
CA VAL A 540 8.57 -15.93 4.95
C VAL A 540 8.59 -14.81 3.93
N TRP A 541 9.50 -13.86 4.06
CA TRP A 541 9.66 -12.84 3.03
C TRP A 541 10.34 -13.41 1.79
N PHE A 542 11.00 -14.56 1.90
CA PHE A 542 11.45 -15.27 0.71
C PHE A 542 10.28 -15.95 0.02
N ASP A 543 9.32 -16.45 0.80
CA ASP A 543 8.10 -17.02 0.23
C ASP A 543 7.40 -16.02 -0.68
N SER A 544 7.08 -14.84 -0.13
CA SER A 544 6.35 -13.83 -0.89
C SER A 544 7.21 -13.21 -1.99
N GLY A 545 8.52 -13.09 -1.76
CA GLY A 545 9.40 -12.64 -2.82
C GLY A 545 9.48 -13.59 -4.00
N SER A 546 9.01 -14.82 -3.85
CA SER A 546 9.04 -15.82 -4.91
C SER A 546 7.71 -15.98 -5.62
N THR A 547 6.72 -15.12 -5.32
CA THR A 547 5.41 -15.27 -5.93
C THR A 547 5.44 -15.07 -7.43
N PHE A 548 6.28 -14.15 -7.90
CA PHE A 548 6.41 -13.93 -9.35
C PHE A 548 6.81 -15.22 -10.05
N LYS A 549 7.64 -16.04 -9.42
CA LYS A 549 8.07 -17.29 -10.02
C LYS A 549 7.01 -18.37 -9.89
N ALA A 550 6.39 -18.45 -8.71
CA ALA A 550 5.39 -19.50 -8.45
C ALA A 550 4.09 -19.25 -9.18
N VAL A 551 3.75 -18.00 -9.45
CA VAL A 551 2.46 -17.62 -10.01
C VAL A 551 2.58 -17.25 -11.49
N LEU A 552 3.48 -16.31 -11.81
CA LEU A 552 3.54 -15.77 -13.16
C LEU A 552 4.38 -16.65 -14.08
N GLU A 553 5.48 -17.20 -13.59
CA GLU A 553 6.39 -17.96 -14.44
C GLU A 553 6.03 -19.44 -14.49
N ASP A 554 5.65 -20.04 -13.36
CA ASP A 554 5.39 -21.48 -13.33
C ASP A 554 4.05 -21.87 -13.95
N TYR A 555 3.17 -20.91 -14.21
CA TYR A 555 1.94 -21.17 -14.95
C TYR A 555 2.01 -20.61 -16.38
N HIS A 556 3.17 -20.12 -16.79
CA HIS A 556 3.46 -19.75 -18.18
C HIS A 556 2.45 -18.74 -18.72
N GLY A 557 2.22 -17.68 -17.95
CA GLY A 557 1.34 -16.60 -18.36
C GLY A 557 -0.13 -16.86 -18.20
N GLU A 558 -0.53 -18.06 -17.77
CA GLU A 558 -1.96 -18.32 -17.57
C GLU A 558 -2.54 -17.48 -16.44
N LYS A 559 -1.72 -17.02 -15.51
CA LYS A 559 -2.17 -16.14 -14.43
C LYS A 559 -1.53 -14.77 -14.49
N GLY A 560 -0.89 -14.42 -15.60
CA GLY A 560 -0.20 -13.14 -15.71
C GLY A 560 1.20 -13.28 -16.26
N GLN A 561 1.73 -12.19 -16.82
CA GLN A 561 3.04 -12.21 -17.43
C GLN A 561 4.11 -11.78 -16.43
N SER A 562 5.27 -12.40 -16.51
CA SER A 562 6.44 -11.96 -15.75
C SER A 562 7.40 -11.26 -16.68
N PRO A 563 7.76 -9.98 -16.44
CA PRO A 563 7.36 -9.17 -15.29
C PRO A 563 5.92 -8.69 -15.37
N SER A 564 5.30 -8.48 -14.20
CA SER A 564 3.94 -7.99 -14.16
C SER A 564 3.89 -6.52 -14.60
N ASP A 565 2.71 -6.11 -15.07
CA ASP A 565 2.52 -4.72 -15.45
C ASP A 565 2.45 -3.80 -14.24
N VAL A 566 1.81 -4.25 -13.17
CA VAL A 566 1.55 -3.41 -12.01
C VAL A 566 1.54 -4.28 -10.75
N ILE A 567 2.19 -3.77 -9.69
CA ILE A 567 1.91 -4.20 -8.33
C ILE A 567 1.49 -2.98 -7.54
N LEU A 568 0.73 -3.22 -6.46
CA LEU A 568 0.12 -2.12 -5.71
C LEU A 568 -0.02 -2.55 -4.26
N GLU A 569 0.82 -2.00 -3.38
CA GLU A 569 0.79 -2.35 -1.97
C GLU A 569 1.05 -1.11 -1.13
N GLY A 570 0.99 -1.29 0.20
CA GLY A 570 1.23 -0.20 1.12
C GLY A 570 2.70 0.16 1.23
N SER A 571 2.95 1.32 1.84
CA SER A 571 4.30 1.86 1.91
C SER A 571 5.24 1.01 2.75
N ASP A 572 4.71 0.14 3.60
CA ASP A 572 5.56 -0.74 4.39
C ASP A 572 6.14 -1.89 3.57
N GLN A 573 5.85 -1.96 2.28
CA GLN A 573 6.35 -3.03 1.44
C GLN A 573 7.66 -2.71 0.75
N HIS A 574 8.12 -1.45 0.78
CA HIS A 574 9.48 -1.17 0.37
C HIS A 574 10.47 -1.89 1.28
N ARG A 575 10.14 -1.97 2.57
CA ARG A 575 10.89 -2.79 3.51
C ARG A 575 10.63 -4.27 3.29
N GLY A 576 9.49 -4.62 2.70
CA GLY A 576 9.10 -6.02 2.56
C GLY A 576 8.98 -6.57 1.15
N TRP A 577 7.75 -6.72 0.67
CA TRP A 577 7.50 -7.52 -0.52
C TRP A 577 8.14 -6.92 -1.76
N PHE A 578 8.13 -5.59 -1.89
CA PHE A 578 8.83 -4.96 -3.01
C PHE A 578 10.31 -5.33 -3.02
N GLN A 579 10.94 -5.32 -1.85
CA GLN A 579 12.38 -5.56 -1.78
C GLN A 579 12.73 -7.02 -2.01
N SER A 580 12.01 -7.91 -1.32
CA SER A 580 12.31 -9.34 -1.45
C SER A 580 12.00 -9.85 -2.86
N SER A 581 10.96 -9.31 -3.50
CA SER A 581 10.68 -9.68 -4.89
C SER A 581 11.74 -9.14 -5.83
N LEU A 582 12.22 -7.92 -5.57
CA LEU A 582 13.26 -7.34 -6.41
C LEU A 582 14.54 -8.16 -6.34
N LEU A 583 14.95 -8.56 -5.14
CA LEU A 583 16.19 -9.30 -4.97
C LEU A 583 16.11 -10.68 -5.61
N ILE A 584 15.02 -11.41 -5.34
CA ILE A 584 14.85 -12.75 -5.92
C ILE A 584 14.71 -12.65 -7.44
N GLY A 585 13.96 -11.66 -7.91
CA GLY A 585 13.86 -11.45 -9.35
C GLY A 585 15.19 -11.12 -9.99
N CYS A 586 16.05 -10.40 -9.26
CA CYS A 586 17.35 -10.03 -9.80
C CYS A 586 18.32 -11.20 -9.82
N VAL A 587 18.12 -12.18 -8.94
CA VAL A 587 18.95 -13.38 -9.00
C VAL A 587 18.55 -14.24 -10.19
N LEU A 588 17.25 -14.50 -10.34
CA LEU A 588 16.81 -15.44 -11.38
C LEU A 588 16.85 -14.80 -12.76
N ASN A 589 16.25 -13.61 -12.92
CA ASN A 589 16.09 -12.98 -14.22
C ASN A 589 16.96 -11.75 -14.42
N ASN A 590 17.71 -11.34 -13.41
CA ASN A 590 18.55 -10.14 -13.46
C ASN A 590 17.73 -8.87 -13.68
N GLN A 591 16.48 -8.86 -13.22
CA GLN A 591 15.64 -7.68 -13.34
C GLN A 591 14.48 -7.80 -12.35
N ALA A 592 13.82 -6.67 -12.14
CA ALA A 592 12.64 -6.65 -11.28
C ALA A 592 11.50 -7.43 -11.93
N PRO A 593 10.74 -8.21 -11.16
CA PRO A 593 9.62 -8.95 -11.75
C PRO A 593 8.37 -8.10 -11.90
N PHE A 594 8.54 -6.78 -11.80
CA PHE A 594 7.44 -5.84 -11.98
C PHE A 594 7.92 -4.64 -12.77
N LYS A 595 7.01 -4.08 -13.57
CA LYS A 595 7.31 -2.89 -14.36
C LYS A 595 6.90 -1.60 -13.65
N LYS A 596 5.86 -1.64 -12.83
CA LYS A 596 5.37 -0.44 -12.16
C LYS A 596 5.01 -0.78 -10.73
N VAL A 597 5.36 0.13 -9.81
CA VAL A 597 5.02 0.01 -8.40
C VAL A 597 4.15 1.19 -8.02
N ILE A 598 2.92 0.89 -7.58
CA ILE A 598 2.00 1.90 -7.05
C ILE A 598 1.94 1.71 -5.55
N THR A 599 2.30 2.75 -4.81
CA THR A 599 2.35 2.72 -3.35
C THR A 599 1.24 3.57 -2.78
N HIS A 600 0.46 3.01 -1.86
CA HIS A 600 -0.56 3.76 -1.14
C HIS A 600 -0.16 3.88 0.33
N GLY A 601 -0.69 4.92 0.97
CA GLY A 601 -0.42 5.18 2.37
C GLY A 601 -1.12 4.19 3.29
N PHE A 602 -1.08 4.49 4.58
CA PHE A 602 -1.69 3.67 5.59
C PHE A 602 -2.97 4.31 6.11
N ILE A 603 -3.88 3.46 6.57
CA ILE A 603 -5.11 3.93 7.23
C ILE A 603 -4.76 4.36 8.65
N VAL A 604 -5.03 5.62 8.97
CA VAL A 604 -4.79 6.16 10.29
C VAL A 604 -6.07 6.77 10.83
N ASP A 605 -6.05 7.12 12.10
CA ASP A 605 -7.25 7.59 12.79
C ASP A 605 -7.44 9.09 12.51
N GLU A 606 -8.39 9.70 13.22
CA GLU A 606 -8.64 11.13 13.08
C GLU A 606 -7.40 11.95 13.44
N LYS A 607 -6.58 11.46 14.38
CA LYS A 607 -5.37 12.16 14.77
C LYS A 607 -4.21 11.93 13.82
N GLY A 608 -4.35 11.01 12.87
CA GLY A 608 -3.22 10.61 12.06
C GLY A 608 -2.35 9.57 12.70
N GLU A 609 -2.85 8.90 13.73
CA GLU A 609 -2.10 7.89 14.46
C GLU A 609 -2.43 6.50 13.92
N LYS A 610 -1.48 5.59 14.07
CA LYS A 610 -1.63 4.23 13.59
C LYS A 610 -2.84 3.57 14.23
N MET A 611 -3.56 2.77 13.43
CA MET A 611 -4.71 2.02 13.94
C MET A 611 -4.21 0.82 14.72
N SER A 612 -4.74 0.64 15.92
CA SER A 612 -4.36 -0.45 16.80
C SER A 612 -5.62 -1.17 17.24
N LYS A 613 -5.54 -2.50 17.34
CA LYS A 613 -6.63 -3.30 17.88
C LYS A 613 -6.67 -3.20 19.40
N SER A 614 -5.86 -2.33 19.98
CA SER A 614 -5.81 -2.11 21.42
C SER A 614 -6.39 -0.76 21.81
N LYS A 615 -5.88 0.33 21.24
CA LYS A 615 -6.37 1.65 21.58
C LYS A 615 -7.80 1.89 21.09
N GLY A 616 -8.38 0.97 20.33
CA GLY A 616 -9.75 1.13 19.87
C GLY A 616 -9.93 2.15 18.77
N ASN A 617 -8.88 2.90 18.42
CA ASN A 617 -8.94 3.81 17.28
C ASN A 617 -9.31 3.06 16.00
N VAL A 618 -9.28 1.72 16.02
CA VAL A 618 -9.70 0.95 14.86
C VAL A 618 -11.18 1.20 14.59
N VAL A 619 -11.48 1.68 13.39
CA VAL A 619 -12.86 1.73 12.91
C VAL A 619 -13.08 0.47 12.09
N SER A 620 -13.92 -0.43 12.59
CA SER A 620 -14.03 -1.76 11.99
C SER A 620 -14.58 -1.64 10.57
N LEU A 621 -14.02 -2.46 9.67
CA LEU A 621 -14.45 -2.44 8.28
C LEU A 621 -15.90 -2.89 8.15
N ASP A 622 -16.31 -3.89 8.94
CA ASP A 622 -17.68 -4.38 8.87
C ASP A 622 -18.68 -3.30 9.27
N LYS A 623 -18.39 -2.58 10.35
CA LYS A 623 -19.28 -1.49 10.78
C LYS A 623 -19.30 -0.37 9.74
N LEU A 624 -18.16 -0.11 9.10
CA LEU A 624 -18.10 0.93 8.08
C LEU A 624 -18.95 0.57 6.87
N LEU A 625 -18.92 -0.71 6.48
CA LEU A 625 -19.70 -1.15 5.32
C LEU A 625 -21.19 -1.13 5.62
N LYS A 626 -21.59 -1.58 6.81
CA LYS A 626 -23.01 -1.56 7.18
C LYS A 626 -23.55 -0.14 7.20
N THR A 627 -22.72 0.81 7.63
CA THR A 627 -23.18 2.18 7.81
C THR A 627 -23.28 2.93 6.49
N HIS A 628 -22.26 2.82 5.64
CA HIS A 628 -22.19 3.62 4.42
C HIS A 628 -22.42 2.84 3.14
N GLY A 629 -22.16 1.54 3.13
CA GLY A 629 -22.22 0.82 1.88
C GLY A 629 -20.88 0.76 1.19
N SER A 630 -20.69 -0.30 0.39
CA SER A 630 -19.37 -0.53 -0.20
C SER A 630 -19.04 0.51 -1.28
N ASP A 631 -20.05 0.92 -2.06
CA ASP A 631 -19.80 1.89 -3.11
C ASP A 631 -19.38 3.25 -2.56
N VAL A 632 -19.85 3.60 -1.36
CA VAL A 632 -19.40 4.85 -0.74
C VAL A 632 -17.98 4.70 -0.20
N VAL A 633 -17.67 3.54 0.37
CA VAL A 633 -16.30 3.27 0.79
C VAL A 633 -15.37 3.27 -0.42
N ARG A 634 -15.82 2.68 -1.53
CA ARG A 634 -15.03 2.69 -2.75
C ARG A 634 -14.84 4.12 -3.26
N LEU A 635 -15.90 4.91 -3.27
CA LEU A 635 -15.78 6.30 -3.71
C LEU A 635 -14.90 7.11 -2.75
N TRP A 636 -14.96 6.79 -1.46
CA TRP A 636 -14.09 7.47 -0.49
C TRP A 636 -12.62 7.18 -0.80
N VAL A 637 -12.31 5.96 -1.22
CA VAL A 637 -10.94 5.62 -1.58
C VAL A 637 -10.50 6.42 -2.80
N ALA A 638 -11.32 6.39 -3.86
CA ALA A 638 -10.92 7.01 -5.12
C ALA A 638 -10.92 8.53 -5.04
N PHE A 639 -11.74 9.10 -4.15
CA PHE A 639 -11.88 10.55 -4.04
C PHE A 639 -10.92 11.15 -3.01
N ASN A 640 -9.91 10.40 -2.57
CA ASN A 640 -8.98 10.89 -1.56
C ASN A 640 -7.54 10.59 -1.95
N ASP A 641 -6.62 11.27 -1.26
CA ASP A 641 -5.18 11.19 -1.54
C ASP A 641 -4.64 9.88 -0.99
N TYR A 642 -4.85 8.80 -1.75
CA TYR A 642 -4.50 7.47 -1.27
C TYR A 642 -2.98 7.24 -1.24
N GLN A 643 -2.22 8.00 -2.03
CA GLN A 643 -0.76 7.84 -2.04
C GLN A 643 -0.12 8.36 -0.76
N ASN A 644 -0.85 9.12 0.05
CA ASN A 644 -0.46 9.47 1.40
C ASN A 644 -1.38 8.78 2.40
N ASP A 645 -1.04 8.89 3.68
CA ASP A 645 -1.85 8.28 4.72
C ASP A 645 -3.24 8.92 4.75
N LEU A 646 -4.24 8.11 5.09
CA LEU A 646 -5.64 8.51 5.05
C LEU A 646 -6.21 8.46 6.46
N ARG A 647 -6.71 9.60 6.93
CA ARG A 647 -7.34 9.67 8.24
C ARG A 647 -8.81 9.29 8.13
N VAL A 648 -9.27 8.45 9.06
CA VAL A 648 -10.64 7.96 9.06
C VAL A 648 -11.45 8.77 10.05
N SER A 649 -12.47 9.45 9.56
CA SER A 649 -13.39 10.20 10.40
C SER A 649 -14.75 10.20 9.73
N GLN A 650 -15.80 10.00 10.53
CA GLN A 650 -17.15 9.86 9.97
C GLN A 650 -17.61 11.13 9.25
N THR A 651 -17.00 12.27 9.55
CA THR A 651 -17.31 13.48 8.79
C THR A 651 -16.75 13.42 7.38
N PHE A 652 -15.66 12.68 7.17
CA PHE A 652 -15.11 12.52 5.83
C PHE A 652 -15.96 11.59 4.97
N PHE A 653 -16.58 10.59 5.59
CA PHE A 653 -17.47 9.70 4.85
C PHE A 653 -18.81 10.35 4.56
N THR A 654 -19.24 11.29 5.41
CA THR A 654 -20.46 12.03 5.13
C THR A 654 -20.29 12.90 3.89
N GLN A 655 -19.12 13.55 3.76
CA GLN A 655 -18.85 14.34 2.57
C GLN A 655 -18.74 13.47 1.33
N THR A 656 -18.29 12.22 1.49
CA THR A 656 -18.26 11.29 0.36
C THR A 656 -19.67 10.84 -0.02
N GLU A 657 -20.54 10.61 0.96
CA GLU A 657 -21.92 10.27 0.66
C GLU A 657 -22.61 11.38 -0.13
N GLN A 658 -22.30 12.64 0.20
CA GLN A 658 -22.84 13.75 -0.56
C GLN A 658 -22.30 13.75 -1.99
N HIS A 659 -21.07 13.27 -2.20
CA HIS A 659 -20.57 13.09 -3.55
C HIS A 659 -21.32 11.96 -4.26
N TYR A 660 -21.56 10.86 -3.56
CA TYR A 660 -22.28 9.73 -4.16
C TYR A 660 -23.73 10.11 -4.45
N LYS A 661 -24.38 10.82 -3.53
CA LYS A 661 -25.75 11.25 -3.77
C LYS A 661 -25.83 12.15 -5.00
N LYS A 662 -24.85 13.04 -5.17
CA LYS A 662 -24.86 13.95 -6.32
C LYS A 662 -24.71 13.18 -7.63
N PHE A 663 -23.75 12.24 -7.68
CA PHE A 663 -23.62 11.38 -8.85
C PHE A 663 -24.90 10.59 -9.10
N ARG A 664 -25.50 10.03 -8.04
CA ARG A 664 -26.66 9.18 -8.21
C ARG A 664 -27.89 10.00 -8.60
N ASN A 665 -28.08 11.16 -7.97
CA ASN A 665 -29.21 12.02 -8.33
C ASN A 665 -29.11 12.47 -9.78
N THR A 666 -27.90 12.73 -10.26
CA THR A 666 -27.73 13.13 -11.65
C THR A 666 -28.11 12.00 -12.60
N LEU A 667 -27.66 10.78 -12.31
CA LEU A 667 -28.00 9.64 -13.16
C LEU A 667 -29.51 9.38 -13.14
N LYS A 668 -30.17 9.62 -12.01
CA LYS A 668 -31.61 9.42 -11.96
C LYS A 668 -32.34 10.44 -12.85
N PHE A 669 -31.86 11.68 -12.86
CA PHE A 669 -32.49 12.68 -13.72
C PHE A 669 -32.31 12.34 -15.20
N LEU A 670 -31.12 11.88 -15.58
CA LEU A 670 -30.87 11.52 -16.97
C LEU A 670 -31.76 10.36 -17.40
N LEU A 671 -31.77 9.28 -16.61
CA LEU A 671 -32.61 8.12 -16.93
C LEU A 671 -34.08 8.50 -16.98
N ALA A 672 -34.51 9.39 -16.09
CA ALA A 672 -35.91 9.78 -16.06
C ALA A 672 -36.29 10.59 -17.30
N ASN A 673 -35.35 11.33 -17.89
CA ASN A 673 -35.66 12.29 -18.94
C ASN A 673 -35.33 11.79 -20.34
N PHE A 674 -34.83 10.56 -20.49
CA PHE A 674 -34.86 9.87 -21.78
C PHE A 674 -35.58 8.53 -21.69
N SER A 675 -36.35 8.31 -20.63
CA SER A 675 -37.04 7.04 -20.47
C SER A 675 -38.16 6.87 -21.48
N ASP A 676 -38.75 7.95 -21.96
CA ASP A 676 -39.85 7.88 -22.91
C ASP A 676 -39.40 8.07 -24.36
N MET A 677 -38.10 8.22 -24.61
CA MET A 677 -37.63 8.47 -25.97
C MET A 677 -37.85 7.24 -26.83
N ASP A 678 -38.46 7.44 -27.99
CA ASP A 678 -38.68 6.35 -28.95
C ASP A 678 -37.32 5.87 -29.47
N LEU A 679 -37.07 4.57 -29.33
CA LEU A 679 -35.74 4.03 -29.60
C LEU A 679 -35.38 4.01 -31.08
N LYS A 680 -36.33 4.29 -31.98
CA LYS A 680 -35.91 4.48 -33.37
C LYS A 680 -35.24 5.84 -33.58
N ASN A 681 -35.26 6.71 -32.57
CA ASN A 681 -34.42 7.91 -32.62
C ASN A 681 -32.93 7.55 -32.66
N LEU A 682 -32.56 6.41 -32.07
CA LEU A 682 -31.16 6.01 -32.07
C LEU A 682 -30.63 5.79 -33.48
N GLU A 683 -31.51 5.41 -34.41
CA GLU A 683 -31.07 5.04 -35.76
C GLU A 683 -30.82 6.26 -36.63
N ARG A 684 -31.46 7.40 -36.34
CA ARG A 684 -31.40 8.52 -37.26
C ARG A 684 -30.58 9.68 -36.70
N PRO A 685 -30.01 10.52 -37.56
CA PRO A 685 -29.31 11.71 -37.08
C PRO A 685 -30.28 12.78 -36.63
N HIS A 686 -29.79 13.64 -35.74
CA HIS A 686 -30.59 14.71 -35.17
C HIS A 686 -29.97 16.07 -35.48
N ASN A 687 -30.82 17.10 -35.50
CA ASN A 687 -30.38 18.47 -35.65
C ASN A 687 -30.22 19.07 -34.25
N PHE A 688 -28.98 19.17 -33.79
CA PHE A 688 -28.70 19.65 -32.45
C PHE A 688 -28.55 21.16 -32.43
N SER A 689 -29.00 21.76 -31.33
CA SER A 689 -28.98 23.20 -31.15
C SER A 689 -27.58 23.67 -30.76
N PRO A 690 -27.35 24.99 -30.77
CA PRO A 690 -26.06 25.49 -30.24
C PRO A 690 -25.79 25.05 -28.81
N LEU A 691 -26.81 25.05 -27.96
CA LEU A 691 -26.64 24.57 -26.59
C LEU A 691 -26.32 23.09 -26.57
N ASP A 692 -26.96 22.31 -27.43
CA ASP A 692 -26.65 20.88 -27.53
C ASP A 692 -25.18 20.66 -27.90
N HIS A 693 -24.69 21.43 -28.87
CA HIS A 693 -23.31 21.25 -29.31
C HIS A 693 -22.32 21.70 -28.24
N PHE A 694 -22.64 22.77 -27.50
CA PHE A 694 -21.80 23.18 -26.40
C PHE A 694 -21.67 22.07 -25.35
N MET A 695 -22.77 21.39 -25.06
CA MET A 695 -22.74 20.31 -24.08
C MET A 695 -22.00 19.09 -24.62
N LEU A 696 -22.21 18.78 -25.90
CA LEU A 696 -21.51 17.67 -26.52
C LEU A 696 -20.01 17.94 -26.60
N GLU A 697 -19.63 19.19 -26.88
CA GLU A 697 -18.21 19.52 -26.96
C GLU A 697 -17.59 19.61 -25.58
N THR A 698 -18.34 20.12 -24.59
CA THR A 698 -17.85 20.10 -23.22
C THR A 698 -17.70 18.67 -22.71
N LEU A 699 -18.66 17.82 -23.03
CA LEU A 699 -18.57 16.41 -22.63
C LEU A 699 -17.31 15.77 -23.17
N GLU A 700 -16.94 16.08 -24.42
CA GLU A 700 -15.73 15.52 -24.99
C GLU A 700 -14.48 16.05 -24.29
N THR A 701 -14.49 17.32 -23.91
CA THR A 701 -13.31 17.92 -23.31
C THR A 701 -13.05 17.35 -21.92
N ILE A 702 -14.08 17.27 -21.08
CA ILE A 702 -13.87 16.75 -19.73
C ILE A 702 -13.62 15.24 -19.77
N SER A 703 -14.16 14.54 -20.77
CA SER A 703 -13.93 13.10 -20.87
C SER A 703 -12.45 12.81 -21.08
N ALA A 704 -11.78 13.59 -21.93
CA ALA A 704 -10.35 13.42 -22.10
C ALA A 704 -9.60 13.74 -20.81
N GLY A 705 -10.09 14.71 -20.05
CA GLY A 705 -9.44 15.06 -18.80
C GLY A 705 -9.60 13.99 -17.73
N VAL A 706 -10.81 13.43 -17.60
CA VAL A 706 -11.04 12.37 -16.62
C VAL A 706 -10.20 11.14 -16.98
N ASN A 707 -10.19 10.77 -18.26
CA ASN A 707 -9.45 9.59 -18.69
C ASN A 707 -7.94 9.79 -18.51
N SER A 708 -7.43 10.96 -18.88
CA SER A 708 -6.00 11.23 -18.72
C SER A 708 -5.60 11.18 -17.24
N ALA A 709 -6.46 11.69 -16.37
CA ALA A 709 -6.19 11.63 -14.93
C ALA A 709 -6.26 10.20 -14.42
N PHE A 710 -7.26 9.44 -14.86
CA PHE A 710 -7.38 8.05 -14.43
C PHE A 710 -6.25 7.19 -14.96
N GLU A 711 -5.67 7.57 -16.11
CA GLU A 711 -4.51 6.85 -16.62
C GLU A 711 -3.31 7.01 -15.69
N GLU A 712 -3.14 8.20 -15.11
CA GLU A 712 -2.09 8.46 -14.15
C GLU A 712 -2.46 8.00 -12.73
N HIS A 713 -3.59 7.31 -12.58
CA HIS A 713 -4.11 6.86 -11.30
C HIS A 713 -4.41 8.01 -10.35
N ASP A 714 -4.61 9.22 -10.90
CA ASP A 714 -4.99 10.38 -10.11
C ASP A 714 -6.51 10.49 -10.16
N PHE A 715 -7.16 9.63 -9.37
CA PHE A 715 -8.62 9.54 -9.39
C PHE A 715 -9.26 10.76 -8.74
N VAL A 716 -8.56 11.42 -7.82
CA VAL A 716 -9.08 12.65 -7.22
C VAL A 716 -9.27 13.71 -8.30
N LYS A 717 -8.26 13.88 -9.16
CA LYS A 717 -8.32 14.90 -10.20
C LYS A 717 -9.43 14.60 -11.20
N GLY A 718 -9.54 13.35 -11.64
CA GLY A 718 -10.57 12.99 -12.59
C GLY A 718 -11.97 13.10 -12.02
N LEU A 719 -12.13 12.75 -10.73
CA LEU A 719 -13.44 12.85 -10.11
C LEU A 719 -13.85 14.30 -9.88
N ASN A 720 -12.87 15.18 -9.62
CA ASN A 720 -13.16 16.61 -9.52
C ASN A 720 -13.61 17.17 -10.87
N ILE A 721 -12.94 16.77 -11.95
CA ILE A 721 -13.35 17.18 -13.28
C ILE A 721 -14.75 16.67 -13.59
N LEU A 722 -15.03 15.42 -13.20
CA LEU A 722 -16.36 14.85 -13.42
C LEU A 722 -17.41 15.58 -12.59
N MET A 723 -17.11 15.81 -11.31
CA MET A 723 -18.09 16.44 -10.43
C MET A 723 -18.37 17.89 -10.84
N ALA A 724 -17.33 18.64 -11.20
CA ALA A 724 -17.51 20.02 -11.62
C ALA A 724 -18.36 20.08 -12.88
N PHE A 725 -18.12 19.18 -13.83
CA PHE A 725 -18.97 19.09 -15.02
C PHE A 725 -20.41 18.76 -14.65
N VAL A 726 -20.59 17.76 -13.79
CA VAL A 726 -21.93 17.38 -13.35
C VAL A 726 -22.61 18.54 -12.64
N THR A 727 -21.85 19.30 -11.85
CA THR A 727 -22.46 20.34 -11.01
C THR A 727 -22.71 21.61 -11.79
N ASN A 728 -21.77 22.01 -12.65
CA ASN A 728 -21.85 23.33 -13.29
C ASN A 728 -22.47 23.26 -14.68
N GLU A 729 -21.75 22.67 -15.65
CA GLU A 729 -22.22 22.67 -17.03
C GLU A 729 -23.50 21.85 -17.18
N LEU A 730 -23.51 20.64 -16.61
CA LEU A 730 -24.63 19.73 -16.78
C LEU A 730 -25.87 20.20 -16.03
N SER A 731 -25.84 20.16 -14.70
CA SER A 731 -27.02 20.49 -13.92
C SER A 731 -27.27 22.00 -13.90
N GLY A 732 -26.24 22.79 -13.63
CA GLY A 732 -26.43 24.21 -13.43
C GLY A 732 -26.87 24.95 -14.67
N ILE A 733 -26.45 24.49 -15.85
CA ILE A 733 -26.69 25.20 -17.11
C ILE A 733 -27.62 24.41 -18.02
N TYR A 734 -27.24 23.18 -18.39
CA TYR A 734 -27.97 22.46 -19.43
C TYR A 734 -29.33 21.99 -18.93
N LEU A 735 -29.34 21.18 -17.86
CA LEU A 735 -30.61 20.65 -17.35
C LEU A 735 -31.55 21.77 -16.92
N ASP A 736 -31.00 22.89 -16.46
CA ASP A 736 -31.84 24.04 -16.12
C ASP A 736 -32.54 24.59 -17.36
N ALA A 737 -31.79 24.74 -18.47
CA ALA A 737 -32.32 25.31 -19.70
C ALA A 737 -33.19 24.35 -20.48
N CYS A 738 -33.05 23.04 -20.24
CA CYS A 738 -33.82 22.04 -20.97
C CYS A 738 -35.07 21.58 -20.22
N LYS A 739 -35.27 22.05 -18.99
CA LYS A 739 -36.38 21.54 -18.17
C LYS A 739 -37.72 21.87 -18.79
N ASP A 740 -37.83 23.00 -19.48
CA ASP A 740 -39.10 23.37 -20.10
C ASP A 740 -39.42 22.45 -21.27
N SER A 741 -38.44 22.19 -22.14
CA SER A 741 -38.68 21.33 -23.30
C SER A 741 -38.93 19.89 -22.87
N LEU A 742 -38.17 19.42 -21.86
CA LEU A 742 -38.32 18.04 -21.42
C LEU A 742 -39.69 17.78 -20.82
N TYR A 743 -40.27 18.79 -20.15
CA TYR A 743 -41.51 18.59 -19.41
C TYR A 743 -42.74 19.17 -20.10
N CYS A 744 -42.57 20.18 -20.96
CA CYS A 744 -43.73 20.88 -21.53
C CYS A 744 -43.82 20.78 -23.05
N ASP A 745 -42.75 20.44 -23.75
CA ASP A 745 -42.85 20.25 -25.19
C ASP A 745 -43.42 18.87 -25.51
N SER A 746 -43.85 18.73 -26.76
CA SER A 746 -44.42 17.47 -27.20
C SER A 746 -43.36 16.37 -27.23
N LYS A 747 -43.80 15.14 -26.95
CA LYS A 747 -42.90 13.99 -27.04
C LYS A 747 -42.32 13.86 -28.45
N ASN A 748 -43.04 14.32 -29.46
CA ASN A 748 -42.63 14.23 -30.84
C ASN A 748 -41.76 15.40 -31.30
N ASN A 749 -41.56 16.40 -30.44
CA ASN A 749 -40.76 17.56 -30.84
C ASN A 749 -39.33 17.15 -31.11
N GLU A 750 -38.84 17.51 -32.31
CA GLU A 750 -37.48 17.14 -32.70
C GLU A 750 -36.45 17.79 -31.80
N LYS A 751 -36.77 18.95 -31.21
CA LYS A 751 -35.82 19.61 -30.33
C LYS A 751 -35.77 18.93 -28.97
N ARG A 752 -36.90 18.42 -28.47
CA ARG A 752 -36.87 17.64 -27.25
C ARG A 752 -36.17 16.31 -27.45
N GLN A 753 -36.39 15.68 -28.60
CA GLN A 753 -35.72 14.41 -28.90
C GLN A 753 -34.21 14.59 -28.97
N ALA A 754 -33.76 15.72 -29.52
CA ALA A 754 -32.32 15.96 -29.62
C ALA A 754 -31.70 16.15 -28.25
N ILE A 755 -32.42 16.80 -27.33
CA ILE A 755 -31.94 16.95 -25.96
C ILE A 755 -31.77 15.58 -25.31
N GLN A 756 -32.73 14.68 -25.54
CA GLN A 756 -32.67 13.34 -24.95
C GLN A 756 -31.48 12.55 -25.47
N MET A 757 -31.09 12.77 -26.73
CA MET A 757 -29.89 12.13 -27.25
C MET A 757 -28.64 12.64 -26.53
N VAL A 758 -28.61 13.95 -26.24
CA VAL A 758 -27.49 14.52 -25.51
C VAL A 758 -27.43 13.94 -24.09
N LEU A 759 -28.59 13.87 -23.42
CA LEU A 759 -28.64 13.25 -22.10
C LEU A 759 -28.23 11.79 -22.17
N LEU A 760 -28.60 11.10 -23.26
CA LEU A 760 -28.21 9.71 -23.43
C LEU A 760 -26.70 9.58 -23.59
N ALA A 761 -26.08 10.49 -24.34
CA ALA A 761 -24.63 10.48 -24.48
C ALA A 761 -23.94 10.78 -23.16
N THR A 762 -24.45 11.78 -22.43
CA THR A 762 -23.86 12.13 -21.14
C THR A 762 -23.96 10.98 -20.16
N ALA A 763 -25.10 10.30 -20.11
CA ALA A 763 -25.26 9.16 -19.20
C ALA A 763 -24.35 8.00 -19.60
N SER A 764 -24.04 7.88 -20.90
CA SER A 764 -23.10 6.84 -21.32
C SER A 764 -21.69 7.14 -20.83
N LYS A 765 -21.27 8.41 -20.89
CA LYS A 765 -19.91 8.76 -20.48
C LYS A 765 -19.73 8.66 -18.98
N LEU A 766 -20.74 9.07 -18.21
CA LEU A 766 -20.68 8.94 -16.76
C LEU A 766 -20.61 7.47 -16.35
N CYS A 767 -21.36 6.59 -17.03
CA CYS A 767 -21.32 5.18 -16.71
C CYS A 767 -19.95 4.59 -16.98
N TYR A 768 -19.32 4.96 -18.10
CA TYR A 768 -18.02 4.40 -18.44
C TYR A 768 -16.96 4.81 -17.42
N PHE A 769 -16.93 6.08 -17.05
CA PHE A 769 -15.88 6.59 -16.17
C PHE A 769 -16.11 6.19 -14.71
N LEU A 770 -17.36 5.99 -14.31
CA LEU A 770 -17.65 5.57 -12.94
C LEU A 770 -17.71 4.06 -12.77
N ALA A 771 -17.68 3.30 -13.87
CA ALA A 771 -17.80 1.85 -13.77
C ALA A 771 -16.70 1.19 -12.92
N PRO A 772 -15.41 1.56 -13.04
CA PRO A 772 -14.41 0.90 -12.19
C PRO A 772 -14.52 1.26 -10.71
N ILE A 773 -15.22 2.34 -10.36
CA ILE A 773 -15.30 2.78 -8.97
C ILE A 773 -16.65 2.38 -8.37
N LEU A 774 -17.73 2.87 -8.96
CA LEU A 774 -19.08 2.55 -8.49
C LEU A 774 -19.72 1.47 -9.37
N THR A 775 -19.10 0.28 -9.36
CA THR A 775 -19.49 -0.76 -10.31
C THR A 775 -20.90 -1.26 -10.05
N HIS A 776 -21.26 -1.51 -8.78
CA HIS A 776 -22.63 -1.92 -8.47
C HIS A 776 -23.64 -0.87 -8.89
N THR A 777 -23.32 0.40 -8.67
CA THR A 777 -24.25 1.47 -9.02
C THR A 777 -24.44 1.57 -10.53
N ILE A 778 -23.35 1.45 -11.30
CA ILE A 778 -23.47 1.49 -12.76
C ILE A 778 -24.20 0.26 -13.26
N GLU A 779 -23.94 -0.90 -12.64
CA GLU A 779 -24.73 -2.09 -12.95
C GLU A 779 -26.21 -1.85 -12.68
N GLU A 780 -26.51 -1.15 -11.58
CA GLU A 780 -27.89 -0.83 -11.26
C GLU A 780 -28.50 0.12 -12.28
N VAL A 781 -27.71 1.10 -12.74
CA VAL A 781 -28.19 2.06 -13.73
C VAL A 781 -28.59 1.35 -15.02
N LEU A 782 -27.69 0.51 -15.55
CA LEU A 782 -27.99 -0.22 -16.77
C LEU A 782 -29.19 -1.13 -16.60
N GLU A 783 -29.44 -1.60 -15.37
CA GLU A 783 -30.57 -2.49 -15.13
C GLU A 783 -31.91 -1.77 -15.30
N HIS A 784 -31.93 -0.45 -15.12
CA HIS A 784 -33.17 0.31 -15.08
C HIS A 784 -33.41 1.15 -16.32
N SER A 785 -32.55 1.04 -17.34
CA SER A 785 -32.66 1.86 -18.55
C SER A 785 -32.49 0.98 -19.78
N GLN A 786 -33.62 0.64 -20.43
CA GLN A 786 -33.54 -0.09 -21.69
C GLN A 786 -32.95 0.77 -22.80
N ALA A 787 -33.17 2.08 -22.75
CA ALA A 787 -32.58 2.97 -23.75
C ALA A 787 -31.06 3.01 -23.63
N LEU A 788 -30.55 3.01 -22.39
CA LEU A 788 -29.10 2.99 -22.20
C LEU A 788 -28.50 1.65 -22.65
N ARG A 789 -29.21 0.54 -22.38
CA ARG A 789 -28.68 -0.78 -22.74
C ARG A 789 -28.60 -0.96 -24.24
N ILE A 790 -29.55 -0.40 -24.99
CA ILE A 790 -29.51 -0.55 -26.44
C ILE A 790 -28.60 0.49 -27.07
N PHE A 791 -28.52 1.69 -26.48
CA PHE A 791 -27.59 2.71 -26.98
C PHE A 791 -26.15 2.24 -26.86
N LEU A 792 -25.83 1.51 -25.79
CA LEU A 792 -24.47 1.06 -25.55
C LEU A 792 -24.24 -0.39 -25.98
N GLN A 793 -25.28 -1.08 -26.44
CA GLN A 793 -25.20 -2.49 -26.84
C GLN A 793 -24.59 -3.33 -25.71
N ALA A 794 -25.24 -3.27 -24.55
CA ALA A 794 -24.68 -3.86 -23.34
C ALA A 794 -25.76 -4.59 -22.57
N LYS A 795 -25.52 -5.86 -22.27
CA LYS A 795 -26.39 -6.57 -21.35
C LYS A 795 -26.27 -6.03 -19.94
N ASP A 796 -25.03 -5.74 -19.51
CA ASP A 796 -24.77 -5.32 -18.15
C ASP A 796 -23.51 -4.45 -18.15
N VAL A 797 -22.92 -4.25 -16.97
CA VAL A 797 -21.79 -3.33 -16.83
C VAL A 797 -20.55 -3.86 -17.53
N PHE A 798 -20.45 -5.18 -17.70
CA PHE A 798 -19.25 -5.79 -18.25
C PHE A 798 -19.18 -5.71 -19.77
N ASP A 799 -20.22 -5.20 -20.42
CA ASP A 799 -20.18 -4.91 -21.85
C ASP A 799 -19.86 -3.45 -22.14
N LEU A 800 -19.57 -2.65 -21.10
CA LEU A 800 -19.31 -1.23 -21.31
C LEU A 800 -18.05 -1.04 -22.15
N LYS A 801 -18.15 -0.19 -23.17
CA LYS A 801 -17.01 0.24 -23.96
C LYS A 801 -17.00 1.77 -23.98
N ASP A 802 -15.82 2.33 -24.22
CA ASP A 802 -15.71 3.77 -24.44
C ASP A 802 -16.26 4.09 -25.81
N ILE A 803 -17.41 4.76 -25.85
CA ILE A 803 -18.10 5.02 -27.10
C ILE A 803 -17.58 6.31 -27.71
N SER A 804 -17.83 6.47 -29.01
CA SER A 804 -17.57 7.71 -29.73
C SER A 804 -18.90 8.45 -29.86
N VAL A 805 -19.01 9.61 -29.19
CA VAL A 805 -20.25 10.36 -29.26
C VAL A 805 -20.50 10.86 -30.67
N SER A 806 -19.43 11.15 -31.43
CA SER A 806 -19.59 11.69 -32.77
C SER A 806 -20.24 10.67 -33.69
N GLU A 807 -19.78 9.42 -33.64
CA GLU A 807 -20.30 8.39 -34.53
C GLU A 807 -21.71 7.97 -34.14
N LYS A 808 -21.97 7.80 -32.84
CA LYS A 808 -23.28 7.35 -32.41
C LYS A 808 -24.33 8.46 -32.49
N LEU A 809 -23.91 9.72 -32.53
CA LEU A 809 -24.82 10.83 -32.74
C LEU A 809 -24.69 11.43 -34.14
N HIS A 810 -23.85 10.83 -35.00
CA HIS A 810 -23.76 11.20 -36.41
C HIS A 810 -23.31 12.64 -36.61
N LEU A 811 -22.42 13.13 -35.75
CA LEU A 811 -21.97 14.51 -35.85
C LEU A 811 -21.07 14.69 -37.07
N LYS A 812 -21.07 15.91 -37.61
CA LYS A 812 -20.32 16.21 -38.82
C LYS A 812 -18.84 16.41 -38.51
N GLU A 813 -18.00 15.98 -39.45
CA GLU A 813 -16.58 16.28 -39.35
C GLU A 813 -16.34 17.75 -39.69
N PHE A 814 -15.43 18.37 -38.96
CA PHE A 814 -15.08 19.79 -39.11
C PHE A 814 -16.23 20.72 -38.74
N LYS A 815 -17.20 20.25 -37.97
CA LYS A 815 -18.18 21.16 -37.38
C LYS A 815 -17.46 22.09 -36.44
N LYS A 816 -17.48 23.38 -36.75
CA LYS A 816 -16.73 24.36 -35.96
C LYS A 816 -17.28 24.40 -34.54
N PRO A 817 -16.41 24.36 -33.51
CA PRO A 817 -16.92 24.32 -32.13
C PRO A 817 -17.70 25.56 -31.78
N GLU A 818 -18.59 25.42 -30.79
CA GLU A 818 -19.31 26.57 -30.26
C GLU A 818 -18.37 27.41 -29.42
N ASN A 819 -18.70 28.70 -29.30
CA ASN A 819 -18.00 29.62 -28.42
C ASN A 819 -19.04 30.37 -27.60
N PHE A 820 -19.23 29.94 -26.36
CA PHE A 820 -20.21 30.54 -25.47
C PHE A 820 -19.58 31.51 -24.48
N GLU A 821 -18.37 32.00 -24.75
CA GLU A 821 -17.68 32.84 -23.78
C GLU A 821 -18.42 34.15 -23.52
N ALA A 822 -19.19 34.63 -24.51
CA ALA A 822 -19.88 35.91 -24.37
C ALA A 822 -21.24 35.76 -23.69
N VAL A 823 -22.06 34.82 -24.16
CA VAL A 823 -23.40 34.66 -23.60
C VAL A 823 -23.31 34.10 -22.17
N LEU A 824 -22.28 33.32 -21.87
CA LEU A 824 -22.14 32.79 -20.52
C LEU A 824 -21.73 33.87 -19.54
N ALA A 825 -20.94 34.85 -19.99
CA ALA A 825 -20.62 35.98 -19.12
C ALA A 825 -21.82 36.88 -18.93
N LEU A 826 -22.64 37.05 -19.97
CA LEU A 826 -23.91 37.76 -19.80
C LEU A 826 -24.83 37.01 -18.86
N ARG A 827 -24.81 35.66 -18.92
CA ARG A 827 -25.59 34.87 -17.98
C ARG A 827 -25.13 35.08 -16.56
N SER A 828 -23.81 35.12 -16.34
CA SER A 828 -23.27 35.39 -15.01
C SER A 828 -23.65 36.78 -14.53
N ALA A 829 -23.53 37.78 -15.41
CA ALA A 829 -23.89 39.15 -15.03
C ALA A 829 -25.38 39.27 -14.73
N PHE A 830 -26.22 38.63 -15.54
CA PHE A 830 -27.65 38.67 -15.30
C PHE A 830 -28.02 37.98 -13.99
N ASN A 831 -27.43 36.82 -13.73
CA ASN A 831 -27.75 36.09 -12.51
C ASN A 831 -27.31 36.84 -11.26
N GLU A 832 -26.24 37.64 -11.35
CA GLU A 832 -25.86 38.47 -10.22
C GLU A 832 -26.88 39.58 -9.99
N GLU A 833 -27.31 40.25 -11.06
CA GLU A 833 -28.31 41.30 -10.93
C GLU A 833 -29.66 40.71 -10.56
N LEU A 834 -29.98 39.51 -11.08
CA LEU A 834 -31.21 38.84 -10.70
C LEU A 834 -31.23 38.53 -9.21
N ASP A 835 -30.06 38.24 -8.62
CA ASP A 835 -30.01 37.91 -7.19
C ASP A 835 -30.41 39.11 -6.34
N ARG A 836 -29.87 40.29 -6.65
CA ARG A 836 -30.14 41.46 -5.82
C ARG A 836 -31.57 41.95 -5.99
N LEU A 837 -32.15 41.79 -7.18
CA LEU A 837 -33.57 42.11 -7.34
C LEU A 837 -34.44 41.18 -6.52
N LYS A 838 -33.98 39.95 -6.29
CA LYS A 838 -34.69 39.05 -5.40
C LYS A 838 -34.41 39.35 -3.94
N LYS A 839 -33.25 39.94 -3.64
CA LYS A 839 -32.98 40.42 -2.28
C LYS A 839 -33.97 41.52 -1.91
N GLU A 840 -34.15 42.51 -2.79
CA GLU A 840 -35.14 43.56 -2.54
C GLU A 840 -36.55 42.99 -2.47
N GLY A 841 -36.79 41.85 -3.13
CA GLY A 841 -38.12 41.31 -3.25
C GLY A 841 -38.90 41.84 -4.42
N VAL A 842 -38.24 42.42 -5.42
CA VAL A 842 -38.95 42.98 -6.57
C VAL A 842 -39.59 41.86 -7.39
N ILE A 843 -38.80 40.87 -7.79
CA ILE A 843 -39.29 39.73 -8.55
C ILE A 843 -38.76 38.45 -7.91
N LYS A 844 -39.42 37.34 -8.22
CA LYS A 844 -39.08 36.06 -7.61
C LYS A 844 -38.29 35.13 -8.52
N ASN A 845 -38.40 35.27 -9.84
CA ASN A 845 -37.79 34.32 -10.76
C ASN A 845 -37.21 35.04 -11.97
N SER A 846 -36.35 34.30 -12.68
CA SER A 846 -35.84 34.80 -13.95
C SER A 846 -36.94 34.87 -15.01
N LEU A 847 -37.96 34.01 -14.89
CA LEU A 847 -39.02 33.97 -15.88
C LEU A 847 -39.94 35.18 -15.80
N GLU A 848 -39.93 35.92 -14.70
CA GLU A 848 -40.74 37.13 -14.61
C GLU A 848 -40.15 38.29 -15.40
N CYS A 849 -38.95 38.13 -15.94
CA CYS A 849 -38.20 39.23 -16.51
C CYS A 849 -38.23 39.20 -18.03
N ALA A 850 -38.07 40.39 -18.62
CA ALA A 850 -37.69 40.55 -20.01
C ALA A 850 -36.35 41.28 -20.05
N ILE A 851 -35.51 40.92 -21.00
CA ILE A 851 -34.17 41.48 -21.09
C ILE A 851 -33.95 42.08 -22.48
N GLU A 852 -33.33 43.26 -22.52
CA GLU A 852 -32.87 43.86 -23.76
C GLU A 852 -31.35 43.95 -23.68
N VAL A 853 -30.67 43.15 -24.46
CA VAL A 853 -29.21 43.13 -24.49
C VAL A 853 -28.74 44.21 -25.45
N LYS A 854 -27.68 44.93 -25.07
CA LYS A 854 -27.20 46.05 -25.87
C LYS A 854 -26.29 45.62 -27.01
N GLU A 855 -25.65 44.46 -26.90
CA GLU A 855 -24.88 43.89 -28.00
C GLU A 855 -25.76 42.84 -28.70
N LYS A 856 -26.21 43.18 -29.91
CA LYS A 856 -27.07 42.28 -30.67
C LYS A 856 -26.31 41.14 -31.31
N ALA A 857 -24.98 41.06 -31.11
CA ALA A 857 -24.23 39.92 -31.63
C ALA A 857 -24.73 38.62 -31.02
N LEU A 858 -25.19 38.68 -29.77
CA LEU A 858 -25.69 37.49 -29.08
C LEU A 858 -27.03 37.06 -29.66
N ASP A 859 -27.11 35.80 -30.10
CA ASP A 859 -28.35 35.27 -30.65
C ASP A 859 -29.45 35.31 -29.59
N GLU A 860 -30.61 35.88 -29.97
CA GLU A 860 -31.66 36.16 -29.00
C GLU A 860 -32.13 34.90 -28.29
N ASN A 861 -32.47 33.87 -29.06
CA ASN A 861 -33.09 32.68 -28.47
C ASN A 861 -32.12 31.87 -27.63
N LEU A 862 -30.82 31.97 -27.88
CA LEU A 862 -29.84 31.36 -26.98
C LEU A 862 -29.75 32.12 -25.67
N VAL A 863 -29.87 33.45 -25.73
CA VAL A 863 -29.91 34.26 -24.51
C VAL A 863 -31.13 33.88 -23.68
N GLU A 864 -32.29 33.75 -24.33
CA GLU A 864 -33.50 33.34 -23.63
C GLU A 864 -33.35 31.94 -23.04
N GLU A 865 -32.68 31.04 -23.75
CA GLU A 865 -32.51 29.68 -23.27
C GLU A 865 -31.62 29.64 -22.04
N LEU A 866 -30.47 30.32 -22.10
CA LEU A 866 -29.47 30.21 -21.04
C LEU A 866 -29.83 30.99 -19.79
N LEU A 867 -30.46 32.15 -19.95
CA LEU A 867 -30.86 32.96 -18.81
C LEU A 867 -32.25 32.62 -18.31
N MET A 868 -33.06 31.94 -19.13
CA MET A 868 -34.44 31.62 -18.82
C MET A 868 -35.23 32.87 -18.43
N VAL A 869 -35.05 33.91 -19.22
CA VAL A 869 -35.98 35.02 -19.24
C VAL A 869 -37.17 34.64 -20.11
N SER A 870 -38.33 35.23 -19.84
CA SER A 870 -39.50 34.96 -20.65
C SER A 870 -39.50 35.71 -21.97
N PHE A 871 -38.62 36.70 -22.13
CA PHE A 871 -38.72 37.60 -23.26
C PHE A 871 -37.38 38.30 -23.47
N VAL A 872 -36.99 38.43 -24.74
CA VAL A 872 -35.77 39.12 -25.13
C VAL A 872 -36.18 40.32 -25.97
N GLY A 873 -35.94 41.52 -25.44
CA GLY A 873 -36.25 42.74 -26.15
C GLY A 873 -36.77 43.79 -25.21
N ILE A 874 -37.50 44.74 -25.77
CA ILE A 874 -37.99 45.90 -25.03
C ILE A 874 -39.32 45.57 -24.39
N ALA A 875 -39.58 46.18 -23.23
CA ALA A 875 -40.85 46.08 -22.54
C ALA A 875 -41.13 47.41 -21.85
N LYS A 876 -42.17 47.45 -21.04
CA LYS A 876 -42.69 48.71 -20.50
C LYS A 876 -42.14 49.08 -19.12
N GLU A 877 -42.25 48.18 -18.15
CA GLU A 877 -41.89 48.52 -16.76
C GLU A 877 -40.42 48.19 -16.54
N LYS A 878 -39.57 49.23 -16.55
CA LYS A 878 -38.16 49.06 -16.25
C LYS A 878 -37.98 48.57 -14.82
N LEU A 879 -37.04 47.64 -14.64
CA LEU A 879 -36.70 47.10 -13.34
C LEU A 879 -35.35 47.56 -12.81
N SER A 880 -34.34 47.59 -13.68
CA SER A 880 -32.98 48.00 -13.37
C SER A 880 -32.18 47.95 -14.67
N GLU A 881 -31.03 48.62 -14.67
CA GLU A 881 -30.20 48.67 -15.87
C GLU A 881 -28.73 48.52 -15.52
N THR A 882 -28.01 47.83 -16.38
CA THR A 882 -26.56 47.69 -16.35
C THR A 882 -26.01 48.19 -17.68
N PRO A 883 -24.69 48.38 -17.82
CA PRO A 883 -24.15 48.74 -19.13
C PRO A 883 -24.48 47.75 -20.23
N ALA A 884 -24.69 46.48 -19.89
CA ALA A 884 -24.87 45.44 -20.89
C ALA A 884 -26.33 45.19 -21.24
N PHE A 885 -27.26 45.41 -20.31
CA PHE A 885 -28.64 45.04 -20.55
C PHE A 885 -29.56 45.87 -19.67
N THR A 886 -30.86 45.76 -19.95
CA THR A 886 -31.92 46.37 -19.14
C THR A 886 -32.95 45.30 -18.83
N LEU A 887 -33.38 45.23 -17.57
CA LEU A 887 -34.37 44.26 -17.15
C LEU A 887 -35.74 44.93 -17.08
N PHE A 888 -36.75 44.26 -17.61
CA PHE A 888 -38.12 44.72 -17.55
C PHE A 888 -38.99 43.62 -16.95
N LYS A 889 -40.17 44.00 -16.50
CA LYS A 889 -41.18 43.01 -16.15
C LYS A 889 -41.77 42.44 -17.43
N ALA A 890 -41.81 41.11 -17.52
CA ALA A 890 -42.34 40.45 -18.70
C ALA A 890 -43.78 40.88 -18.95
N PRO A 891 -44.10 41.47 -20.13
CA PRO A 891 -45.46 41.95 -20.42
C PRO A 891 -46.40 40.83 -20.84
N PHE A 892 -46.47 39.78 -20.02
CA PHE A 892 -47.32 38.64 -20.30
C PHE A 892 -47.86 38.09 -18.99
N TYR A 893 -48.89 37.25 -19.10
CA TYR A 893 -49.39 36.49 -17.96
C TYR A 893 -48.59 35.21 -17.80
N LYS A 894 -48.53 34.72 -16.57
CA LYS A 894 -47.90 33.44 -16.32
C LYS A 894 -48.78 32.32 -16.87
N CYS A 895 -48.18 31.43 -17.64
CA CYS A 895 -48.91 30.31 -18.20
C CYS A 895 -49.21 29.30 -17.10
N PRO A 896 -50.45 28.83 -16.98
CA PRO A 896 -50.77 27.87 -15.91
C PRO A 896 -50.12 26.51 -16.11
N ARG A 897 -49.64 26.19 -17.31
CA ARG A 897 -49.05 24.88 -17.57
C ARG A 897 -47.53 24.88 -17.38
N CYS A 898 -46.83 25.76 -18.08
CA CYS A 898 -45.37 25.78 -18.04
C CYS A 898 -44.80 26.84 -17.11
N TRP A 899 -45.64 27.73 -16.57
CA TRP A 899 -45.23 28.77 -15.63
C TRP A 899 -44.26 29.78 -16.24
N ARG A 900 -44.18 29.84 -17.56
CA ARG A 900 -43.45 30.91 -18.23
C ARG A 900 -44.40 32.08 -18.50
N PHE A 901 -43.84 33.28 -18.48
CA PHE A 901 -44.63 34.50 -18.72
C PHE A 901 -44.69 34.71 -20.23
N LYS A 902 -45.53 33.90 -20.87
CA LYS A 902 -45.74 33.96 -22.31
C LYS A 902 -47.21 33.94 -22.70
N SER A 903 -48.12 33.94 -21.74
CA SER A 903 -49.54 33.90 -22.01
C SER A 903 -50.10 35.32 -22.12
N GLU A 904 -50.92 35.55 -23.15
CA GLU A 904 -51.54 36.86 -23.36
C GLU A 904 -52.78 37.05 -22.51
N LEU A 905 -53.36 35.98 -21.98
CA LEU A 905 -54.58 36.05 -21.20
C LEU A 905 -54.39 35.31 -19.88
N GLU A 906 -55.08 35.80 -18.85
CA GLU A 906 -54.88 35.30 -17.50
C GLU A 906 -55.34 33.86 -17.37
N ASN A 907 -54.54 33.05 -16.67
CA ASN A 907 -54.84 31.64 -16.39
C ASN A 907 -55.18 30.87 -17.65
N THR A 908 -54.59 31.27 -18.78
CA THR A 908 -54.86 30.66 -20.07
C THR A 908 -53.56 30.08 -20.62
N PRO A 909 -53.57 28.85 -21.13
CA PRO A 909 -52.32 28.23 -21.59
C PRO A 909 -51.63 29.06 -22.67
N CYS A 910 -50.31 29.12 -22.60
CA CYS A 910 -49.55 29.86 -23.60
C CYS A 910 -49.62 29.13 -24.94
N LYS A 911 -49.11 29.79 -25.99
CA LYS A 911 -49.33 29.30 -27.34
C LYS A 911 -48.72 27.91 -27.55
N ARG A 912 -47.50 27.72 -27.06
CA ARG A 912 -46.87 26.40 -27.16
C ARG A 912 -47.70 25.35 -26.43
N CYS A 913 -48.13 25.66 -25.20
CA CYS A 913 -48.87 24.68 -24.40
C CYS A 913 -50.22 24.35 -25.01
N GLU A 914 -50.84 25.31 -25.73
CA GLU A 914 -52.13 25.04 -26.34
C GLU A 914 -52.02 23.95 -27.40
N GLN A 915 -51.03 24.07 -28.29
CA GLN A 915 -50.81 23.05 -29.31
C GLN A 915 -50.61 21.68 -28.68
N VAL A 916 -49.72 21.60 -27.68
CA VAL A 916 -49.41 20.32 -27.03
C VAL A 916 -50.66 19.73 -26.38
N LEU A 917 -51.51 20.57 -25.80
CA LEU A 917 -52.68 20.07 -25.08
C LEU A 917 -53.73 19.48 -26.01
N LYS A 918 -53.74 19.88 -27.28
CA LYS A 918 -54.75 19.43 -28.23
C LYS A 918 -54.20 18.49 -29.29
N GLU A 919 -52.92 18.12 -29.22
CA GLU A 919 -52.32 17.31 -30.28
C GLU A 919 -52.90 15.90 -30.28
N ARG A 920 -53.19 15.39 -31.47
CA ARG A 920 -53.81 14.08 -31.62
C ARG A 920 -52.77 12.96 -31.55
#